data_4YD8
#
_entry.id   4YD8
#
_cell.length_a   136.417
_cell.length_b   81.878
_cell.length_c   85.649
_cell.angle_alpha   90.00
_cell.angle_beta   90.00
_cell.angle_gamma   90.00
#
_symmetry.space_group_name_H-M   'P 21 21 2'
#
loop_
_entity.id
_entity.type
_entity.pdbx_description
1 polymer 'Protein PTHB1'
2 water water
#
_entity_poly.entity_id   1
_entity_poly.type   'polypeptide(L)'
_entity_poly.pdbx_seq_one_letter_code
;GPGS(MSE)SLFKARDWWSTILGDKEEFDQGCLCLANVDNSGNGQDKIIVGSF(MSE)GYLRIFSPHPAKTGDGAQAEDL
LLEVDLRDPVLQVEVGKFVSGTE(MSE)LHLAVLHSRKLCVYSVSGTLGNVEHGNQCQ(MSE)KL(MSE)YEHNLQRTAC
N(MSE)TYGSFGGVKGRDLICIQS(MSE)DG(MSE)L(MSE)VFEQESYAFGRFLPGFLLPGPLAYSSRTDSFLTVSSCQ
QVESYKYQVLAFATDADKRQETEQQKLGSGKRLVVDWTLNIGEQALDICIVSFNQSASSVFVLGERNFFCLKDNGQIRF
(MSE)KKLDWSPSCFLPYCSVSEGTINTLIGNHNN(MSE)LHIYQDVTLKWATQLPHIPVAVRVGCLHDLKGVIVTLSDD
GHLQCSYLGTDPSLFQAPNVQSRELNYDELDVE(MSE)KELQKIIKDVNKSQGVWP(MSE)TER
;
_entity_poly.pdbx_strand_id   A,B
#
# COMPACT_ATOMS: atom_id res chain seq x y z
N LEU A 7 -14.98 -4.26 -5.12
CA LEU A 7 -14.33 -5.57 -5.01
C LEU A 7 -13.23 -5.53 -3.95
N PHE A 8 -12.07 -5.02 -4.34
CA PHE A 8 -11.01 -4.75 -3.38
C PHE A 8 -11.26 -3.40 -2.73
N LYS A 9 -10.92 -3.25 -1.45
CA LYS A 9 -10.92 -1.92 -0.87
C LYS A 9 -9.63 -1.27 -1.33
N ALA A 10 -9.54 0.05 -1.23
CA ALA A 10 -8.33 0.77 -1.63
C ALA A 10 -7.19 0.48 -0.66
N ARG A 11 -5.99 0.29 -1.22
CA ARG A 11 -4.77 0.21 -0.42
C ARG A 11 -4.27 1.64 -0.26
N ASP A 12 -5.03 2.44 0.47
CA ASP A 12 -4.69 3.84 0.67
C ASP A 12 -3.59 4.00 1.71
N TRP A 13 -2.83 5.08 1.59
CA TRP A 13 -1.77 5.32 2.56
C TRP A 13 -1.69 6.79 2.96
N TRP A 14 -2.58 7.62 2.42
CA TRP A 14 -2.60 9.05 2.72
C TRP A 14 -3.85 9.71 2.17
N SER A 15 -4.48 10.56 2.97
CA SER A 15 -5.57 11.36 2.46
C SER A 15 -5.64 12.70 3.18
N THR A 16 -6.23 13.68 2.53
CA THR A 16 -6.52 14.94 3.19
C THR A 16 -7.81 15.52 2.62
N ILE A 17 -8.30 16.55 3.28
CA ILE A 17 -9.44 17.29 2.76
C ILE A 17 -8.98 18.71 2.51
N LEU A 18 -9.19 19.19 1.28
CA LEU A 18 -8.69 20.49 0.85
C LEU A 18 -9.62 21.65 1.20
N GLY A 19 -9.24 22.44 2.19
CA GLY A 19 -10.01 23.61 2.57
C GLY A 19 -11.37 23.28 3.14
N ASP A 20 -12.26 24.27 3.14
CA ASP A 20 -13.59 24.12 3.72
C ASP A 20 -14.66 24.30 2.66
N LYS A 21 -15.27 23.19 2.26
CA LYS A 21 -16.30 23.19 1.23
C LYS A 21 -15.82 23.86 -0.06
N GLU A 22 -14.59 23.56 -0.44
CA GLU A 22 -14.08 23.99 -1.74
C GLU A 22 -14.56 23.03 -2.81
N GLU A 23 -14.53 23.49 -4.07
CA GLU A 23 -15.00 22.73 -5.22
C GLU A 23 -13.87 22.62 -6.25
N PHE A 24 -13.86 21.49 -6.94
CA PHE A 24 -12.80 21.14 -7.87
C PHE A 24 -13.41 20.44 -9.06
N ASP A 25 -12.71 20.40 -10.19
CA ASP A 25 -13.17 19.62 -11.34
CA ASP A 25 -13.17 19.59 -11.32
C ASP A 25 -11.97 18.99 -12.02
N GLN A 26 -12.23 18.31 -13.13
CA GLN A 26 -11.14 17.77 -13.93
C GLN A 26 -10.31 18.97 -14.39
N GLY A 27 -9.01 18.81 -14.42
CA GLY A 27 -8.16 19.96 -14.69
C GLY A 27 -7.44 20.47 -13.44
N CYS A 28 -8.04 20.27 -12.27
CA CYS A 28 -7.54 20.87 -11.03
C CYS A 28 -6.42 20.05 -10.38
N LEU A 29 -6.17 18.85 -10.89
CA LEU A 29 -5.17 17.95 -10.29
C LEU A 29 -3.98 17.72 -11.24
N CYS A 30 -2.77 17.93 -10.73
CA CYS A 30 -1.58 17.67 -11.52
C CYS A 30 -0.55 16.94 -10.68
N LEU A 31 0.08 15.95 -11.28
CA LEU A 31 1.15 15.19 -10.64
CA LEU A 31 1.15 15.19 -10.64
C LEU A 31 2.45 15.38 -11.42
N ALA A 32 3.42 16.06 -10.83
CA ALA A 32 4.64 16.36 -11.58
C ALA A 32 5.80 16.73 -10.68
N ASN A 33 7.00 16.64 -11.23
CA ASN A 33 8.21 17.01 -10.50
C ASN A 33 8.39 18.52 -10.60
N VAL A 34 7.47 19.25 -9.98
CA VAL A 34 7.31 20.68 -10.24
C VAL A 34 8.46 21.52 -9.65
N ASP A 35 9.17 20.95 -8.68
CA ASP A 35 10.34 21.64 -8.12
C ASP A 35 11.66 21.13 -8.69
N ASN A 36 11.58 20.39 -9.80
CA ASN A 36 12.76 19.91 -10.49
C ASN A 36 13.75 19.19 -9.58
N SER A 37 13.20 18.38 -8.69
CA SER A 37 14.04 17.65 -7.74
C SER A 37 14.86 16.56 -8.42
N GLY A 38 16.04 16.27 -7.88
CA GLY A 38 16.90 15.28 -8.49
C GLY A 38 16.44 13.85 -8.26
N ASN A 39 15.65 13.61 -7.23
CA ASN A 39 15.22 12.23 -6.96
C ASN A 39 14.05 11.82 -7.86
N GLY A 40 13.54 12.79 -8.61
CA GLY A 40 12.53 12.51 -9.63
C GLY A 40 11.13 12.23 -9.11
N GLN A 41 10.88 12.50 -7.84
CA GLN A 41 9.56 12.28 -7.26
C GLN A 41 8.52 13.30 -7.72
N ASP A 42 7.30 12.84 -7.98
CA ASP A 42 6.22 13.79 -8.26
C ASP A 42 5.79 14.52 -7.00
N LYS A 43 5.17 15.67 -7.19
CA LYS A 43 4.44 16.33 -6.12
C LYS A 43 2.99 16.45 -6.58
N ILE A 44 2.06 16.54 -5.64
CA ILE A 44 0.66 16.73 -6.00
C ILE A 44 0.38 18.22 -6.03
N ILE A 45 -0.11 18.71 -7.17
CA ILE A 45 -0.50 20.11 -7.28
C ILE A 45 -1.99 20.17 -7.49
N VAL A 46 -2.69 20.92 -6.64
CA VAL A 46 -4.14 21.06 -6.78
C VAL A 46 -4.55 22.52 -6.69
N GLY A 47 -5.32 22.98 -7.68
CA GLY A 47 -5.91 24.31 -7.62
C GLY A 47 -7.40 24.19 -7.38
N SER A 48 -8.01 25.15 -6.69
CA SER A 48 -9.44 25.07 -6.44
C SER A 48 -10.19 26.26 -7.05
N PHE A 49 -11.50 26.10 -7.21
CA PHE A 49 -12.30 27.19 -7.75
C PHE A 49 -12.46 28.29 -6.68
N MSE A 50 -12.01 28.02 -5.47
CA MSE A 50 -11.97 29.00 -4.43
C MSE A 50 -10.64 29.76 -4.41
O MSE A 50 -10.40 30.56 -3.53
CB MSE A 50 -12.19 28.36 -3.09
CG MSE A 50 -13.65 28.05 -2.73
SE MSE A 50 -14.73 27.22 -4.12
CE MSE A 50 -16.50 27.16 -3.26
N GLY A 51 -9.78 29.53 -5.37
CA GLY A 51 -8.62 30.38 -5.61
C GLY A 51 -7.33 29.91 -4.95
N TYR A 52 -7.39 28.84 -4.17
CA TYR A 52 -6.19 28.29 -3.52
C TYR A 52 -5.38 27.34 -4.41
N LEU A 53 -4.06 27.50 -4.38
CA LEU A 53 -3.13 26.58 -5.01
C LEU A 53 -2.36 25.85 -3.91
N ARG A 54 -2.36 24.52 -3.95
CA ARG A 54 -1.67 23.73 -2.92
C ARG A 54 -0.71 22.73 -3.56
N ILE A 55 0.44 22.53 -2.94
CA ILE A 55 1.40 21.54 -3.41
C ILE A 55 1.77 20.61 -2.25
N PHE A 56 1.64 19.30 -2.48
CA PHE A 56 1.90 18.29 -1.44
C PHE A 56 3.01 17.34 -1.84
N SER A 57 3.74 16.88 -0.83
CA SER A 57 4.64 15.73 -0.98
C SER A 57 4.28 14.76 0.14
N PRO A 58 3.29 13.90 -0.10
CA PRO A 58 2.70 13.09 0.97
C PRO A 58 3.63 12.00 1.51
N HIS A 59 3.51 11.73 2.79
CA HIS A 59 4.27 10.67 3.45
C HIS A 59 3.30 9.85 4.29
N PRO A 60 3.53 8.54 4.40
CA PRO A 60 2.66 7.73 5.24
C PRO A 60 2.87 8.07 6.73
N ALA A 61 1.88 7.73 7.54
CA ALA A 61 1.91 7.96 8.97
C ALA A 61 3.20 7.40 9.59
N LYS A 62 3.90 8.24 10.36
CA LYS A 62 5.19 7.88 10.93
C LYS A 62 5.37 8.54 12.30
N THR A 63 5.26 7.75 13.36
CA THR A 63 5.20 8.30 14.71
C THR A 63 6.35 7.79 15.56
N GLY A 64 6.53 8.39 16.74
CA GLY A 64 7.59 7.98 17.64
C GLY A 64 8.99 8.39 17.20
N ASP A 65 9.05 9.14 16.10
CA ASP A 65 10.33 9.59 15.55
C ASP A 65 10.47 11.12 15.68
N GLY A 66 9.64 11.71 16.53
CA GLY A 66 9.70 13.14 16.78
C GLY A 66 8.94 13.98 15.77
N ALA A 67 9.67 14.81 15.03
CA ALA A 67 9.05 15.79 14.16
C ALA A 67 9.18 15.42 12.68
N GLN A 68 8.05 15.23 12.02
CA GLN A 68 8.04 15.01 10.57
C GLN A 68 7.70 16.31 9.84
N ALA A 69 8.39 16.56 8.73
CA ALA A 69 8.06 17.69 7.87
C ALA A 69 6.63 17.56 7.37
N GLU A 70 5.96 18.69 7.21
CA GLU A 70 4.58 18.71 6.74
C GLU A 70 4.46 18.14 5.33
N ASP A 71 3.32 17.52 5.06
CA ASP A 71 3.01 17.01 3.72
CA ASP A 71 3.08 17.03 3.71
C ASP A 71 2.75 18.20 2.79
N LEU A 72 2.23 19.28 3.36
CA LEU A 72 1.91 20.46 2.58
C LEU A 72 3.17 21.30 2.37
N LEU A 73 3.63 21.38 1.13
CA LEU A 73 4.83 22.17 0.83
C LEU A 73 4.50 23.64 0.67
N LEU A 74 3.32 23.92 0.11
CA LEU A 74 2.97 25.28 -0.20
C LEU A 74 1.46 25.41 -0.35
N GLU A 75 0.95 26.51 0.18
CA GLU A 75 -0.43 26.89 -0.03
C GLU A 75 -0.44 28.39 -0.27
N VAL A 76 -1.06 28.82 -1.37
CA VAL A 76 -1.17 30.25 -1.65
C VAL A 76 -2.58 30.57 -2.15
N ASP A 77 -3.11 31.69 -1.66
CA ASP A 77 -4.38 32.22 -2.14
C ASP A 77 -4.12 33.09 -3.37
N LEU A 78 -4.49 32.57 -4.54
CA LEU A 78 -4.30 33.30 -5.79
C LEU A 78 -5.41 34.31 -6.06
N ARG A 79 -6.43 34.31 -5.19
CA ARG A 79 -7.53 35.29 -5.19
C ARG A 79 -8.32 35.33 -6.50
N ASP A 80 -8.44 34.18 -7.14
CA ASP A 80 -9.00 34.04 -8.46
C ASP A 80 -9.23 32.53 -8.68
N PRO A 81 -10.47 32.12 -9.03
CA PRO A 81 -10.70 30.67 -9.22
C PRO A 81 -9.69 30.02 -10.18
N VAL A 82 -9.19 28.85 -9.78
CA VAL A 82 -8.28 28.10 -10.62
C VAL A 82 -9.08 27.16 -11.51
N LEU A 83 -8.92 27.30 -12.82
CA LEU A 83 -9.62 26.46 -13.79
C LEU A 83 -8.81 25.22 -14.17
N GLN A 84 -7.50 25.35 -14.18
CA GLN A 84 -6.64 24.24 -14.58
C GLN A 84 -5.20 24.46 -14.11
N VAL A 85 -4.49 23.37 -13.83
CA VAL A 85 -3.05 23.45 -13.55
C VAL A 85 -2.31 22.45 -14.44
N GLU A 86 -1.14 22.86 -14.93
CA GLU A 86 -0.28 21.99 -15.73
C GLU A 86 1.17 22.34 -15.43
N VAL A 87 2.07 21.41 -15.73
CA VAL A 87 3.48 21.60 -15.44
C VAL A 87 4.25 21.24 -16.69
N GLY A 88 5.16 22.11 -17.11
CA GLY A 88 5.86 21.89 -18.35
C GLY A 88 6.99 22.89 -18.55
N LYS A 89 7.61 22.83 -19.71
CA LYS A 89 8.76 23.69 -19.99
C LYS A 89 8.30 25.05 -20.54
N PHE A 90 7.71 25.85 -19.66
CA PHE A 90 6.97 27.05 -20.08
C PHE A 90 7.84 28.31 -20.09
N VAL A 91 9.13 28.18 -19.74
CA VAL A 91 10.01 29.36 -19.69
C VAL A 91 11.14 29.26 -20.72
N SER A 92 11.31 30.30 -21.54
CA SER A 92 12.30 30.24 -22.59
C SER A 92 13.72 30.22 -22.00
N GLY A 93 14.62 29.48 -22.64
CA GLY A 93 16.03 29.51 -22.24
C GLY A 93 16.36 28.48 -21.17
N THR A 94 15.34 27.77 -20.68
CA THR A 94 15.57 26.65 -19.76
C THR A 94 14.62 25.48 -20.05
N GLU A 95 15.03 24.29 -19.69
CA GLU A 95 14.15 23.14 -19.82
C GLU A 95 13.57 22.72 -18.46
N MSE A 96 13.83 23.52 -17.44
CA MSE A 96 13.21 23.25 -16.14
CA MSE A 96 13.22 23.31 -16.13
C MSE A 96 11.68 23.31 -16.21
O MSE A 96 11.11 24.10 -16.96
CB MSE A 96 13.74 24.21 -15.07
CB MSE A 96 13.69 24.41 -15.18
CG MSE A 96 15.14 23.90 -14.62
CG MSE A 96 15.15 24.32 -14.90
SE MSE A 96 15.33 24.48 -12.77
SE MSE A 96 15.40 22.94 -13.60
CE MSE A 96 16.56 23.14 -12.18
CE MSE A 96 15.03 24.04 -12.06
N LEU A 97 11.03 22.45 -15.43
CA LEU A 97 9.57 22.46 -15.37
C LEU A 97 9.08 23.66 -14.57
N HIS A 98 7.98 24.23 -15.02
CA HIS A 98 7.29 25.32 -14.35
C HIS A 98 5.78 25.03 -14.26
N LEU A 99 5.11 25.74 -13.38
CA LEU A 99 3.67 25.56 -13.13
C LEU A 99 2.88 26.58 -13.92
N ALA A 100 1.92 26.12 -14.72
CA ALA A 100 0.97 27.05 -15.35
C ALA A 100 -0.35 26.97 -14.60
N VAL A 101 -0.89 28.12 -14.24
CA VAL A 101 -2.18 28.19 -13.59
C VAL A 101 -3.12 28.96 -14.50
N LEU A 102 -4.19 28.31 -14.91
CA LEU A 102 -5.17 28.96 -15.77
C LEU A 102 -6.29 29.53 -14.93
N HIS A 103 -6.56 30.83 -15.12
CA HIS A 103 -7.71 31.50 -14.54
C HIS A 103 -8.65 31.89 -15.67
N SER A 104 -9.83 32.39 -15.33
CA SER A 104 -10.78 32.82 -16.35
C SER A 104 -10.21 33.85 -17.32
N ARG A 105 -9.51 34.85 -16.80
CA ARG A 105 -8.96 35.92 -17.65
C ARG A 105 -7.45 36.12 -17.56
N LYS A 106 -6.72 35.15 -17.01
CA LYS A 106 -5.27 35.24 -17.08
C LYS A 106 -4.62 33.87 -16.96
N LEU A 107 -3.45 33.75 -17.55
CA LEU A 107 -2.61 32.57 -17.46
C LEU A 107 -1.34 32.99 -16.72
N CYS A 108 -1.01 32.29 -15.63
CA CYS A 108 0.16 32.67 -14.83
C CYS A 108 1.15 31.50 -14.78
N VAL A 109 2.42 31.80 -15.00
CA VAL A 109 3.45 30.75 -14.99
C VAL A 109 4.42 31.01 -13.84
N TYR A 110 4.66 29.97 -13.03
CA TYR A 110 5.42 30.10 -11.79
C TYR A 110 6.62 29.19 -11.75
N SER A 111 7.66 29.66 -11.07
CA SER A 111 8.81 28.81 -10.72
C SER A 111 8.69 28.33 -9.27
N VAL A 112 8.67 27.02 -9.06
CA VAL A 112 8.59 26.46 -7.72
C VAL A 112 9.96 25.95 -7.32
N SER A 113 10.50 26.45 -6.21
CA SER A 113 11.83 26.05 -5.77
C SER A 113 11.82 24.71 -5.07
N GLY A 114 13.01 24.13 -4.90
CA GLY A 114 13.15 23.00 -4.00
C GLY A 114 13.02 23.49 -2.57
N THR A 115 13.26 22.59 -1.62
CA THR A 115 13.07 22.88 -0.21
C THR A 115 13.89 24.06 0.33
N LEU A 116 13.21 24.99 0.98
CA LEU A 116 13.87 26.12 1.63
C LEU A 116 14.04 25.87 3.13
N GLY A 122 4.83 27.18 8.03
CA GLY A 122 4.50 27.80 6.75
C GLY A 122 4.93 27.00 5.54
N ASN A 123 5.15 27.71 4.44
CA ASN A 123 5.57 27.09 3.20
C ASN A 123 7.00 26.58 3.27
N GLN A 124 7.28 25.49 2.58
CA GLN A 124 8.61 24.89 2.61
C GLN A 124 9.39 25.16 1.33
N CYS A 125 8.78 25.91 0.43
CA CYS A 125 9.40 26.28 -0.82
C CYS A 125 8.86 27.65 -1.22
N GLN A 126 9.41 28.23 -2.28
CA GLN A 126 8.83 29.46 -2.80
C GLN A 126 8.20 29.19 -4.14
N MSE A 127 7.24 30.04 -4.52
CA MSE A 127 6.63 29.98 -5.83
C MSE A 127 6.64 31.38 -6.38
O MSE A 127 5.95 32.25 -5.86
CB MSE A 127 5.20 29.45 -5.74
CG MSE A 127 4.55 29.24 -7.08
SE MSE A 127 2.87 28.28 -6.90
CE MSE A 127 1.66 29.81 -7.06
N LYS A 128 7.44 31.63 -7.41
CA LYS A 128 7.61 32.99 -7.93
C LYS A 128 7.00 33.10 -9.31
N LEU A 129 6.28 34.19 -9.56
CA LEU A 129 5.69 34.43 -10.87
C LEU A 129 6.78 34.74 -11.90
N MSE A 130 6.77 34.01 -13.01
CA MSE A 130 7.74 34.28 -14.09
C MSE A 130 7.13 35.25 -15.08
O MSE A 130 7.76 36.22 -15.49
CB MSE A 130 8.16 32.99 -14.80
CG MSE A 130 8.84 31.97 -13.90
SE MSE A 130 10.49 32.70 -13.17
CE MSE A 130 11.66 32.68 -14.73
N TYR A 131 5.87 34.99 -15.48
CA TYR A 131 5.17 35.92 -16.35
C TYR A 131 3.70 35.60 -16.28
N GLU A 132 2.89 36.54 -16.75
CA GLU A 132 1.47 36.26 -16.88
C GLU A 132 0.94 36.89 -18.16
N HIS A 133 -0.07 36.23 -18.73
CA HIS A 133 -0.76 36.74 -19.90
C HIS A 133 -2.17 37.11 -19.52
N ASN A 134 -2.57 38.34 -19.79
CA ASN A 134 -3.94 38.72 -19.58
C ASN A 134 -4.76 38.35 -20.82
N LEU A 135 -5.82 37.56 -20.62
CA LEU A 135 -6.59 37.00 -21.73
C LEU A 135 -7.66 37.96 -22.19
N GLN A 136 -7.82 38.08 -23.50
CA GLN A 136 -8.81 38.99 -24.06
C GLN A 136 -10.21 38.37 -24.06
N ARG A 137 -10.26 37.07 -23.77
CA ARG A 137 -11.52 36.32 -23.70
C ARG A 137 -11.52 35.39 -22.51
N THR A 138 -12.70 35.09 -21.96
CA THR A 138 -12.81 34.12 -20.86
C THR A 138 -12.32 32.72 -21.26
N ALA A 139 -11.52 32.11 -20.40
CA ALA A 139 -10.92 30.81 -20.72
C ALA A 139 -11.82 29.64 -20.36
N CYS A 140 -11.68 28.54 -21.09
CA CYS A 140 -12.29 27.28 -20.69
C CYS A 140 -11.24 26.32 -20.15
N ASN A 141 -10.32 25.88 -21.01
CA ASN A 141 -9.32 24.86 -20.66
C ASN A 141 -8.07 25.09 -21.50
N MSE A 142 -7.03 24.27 -21.29
CA MSE A 142 -5.80 24.49 -22.02
C MSE A 142 -5.09 23.18 -22.29
O MSE A 142 -5.42 22.16 -21.67
CB MSE A 142 -4.85 25.42 -21.26
CG MSE A 142 -4.44 24.89 -19.90
SE MSE A 142 -3.07 26.11 -19.14
CE MSE A 142 -3.06 25.47 -17.32
N THR A 143 -4.13 23.21 -23.19
CA THR A 143 -3.21 22.09 -23.39
C THR A 143 -1.84 22.69 -23.71
N TYR A 144 -0.83 21.84 -23.84
CA TYR A 144 0.51 22.35 -24.05
C TYR A 144 1.36 21.31 -24.76
N GLY A 145 2.48 21.74 -25.29
CA GLY A 145 3.38 20.79 -25.94
C GLY A 145 4.30 21.50 -26.89
N SER A 146 5.10 20.74 -27.61
CA SER A 146 6.11 21.29 -28.50
CA SER A 146 6.11 21.32 -28.49
C SER A 146 5.51 21.61 -29.87
N PHE A 147 4.54 22.53 -29.89
CA PHE A 147 3.81 22.89 -31.11
C PHE A 147 4.80 23.19 -32.22
N GLY A 148 4.56 22.67 -33.41
CA GLY A 148 5.41 22.99 -34.54
C GLY A 148 6.65 22.12 -34.59
N GLY A 149 6.83 21.26 -33.60
CA GLY A 149 7.97 20.36 -33.58
C GLY A 149 9.22 21.02 -33.00
N VAL A 150 9.03 22.18 -32.36
CA VAL A 150 10.11 22.84 -31.65
C VAL A 150 10.59 21.97 -30.48
N LYS A 151 11.89 21.79 -30.34
CA LYS A 151 12.38 20.96 -29.23
C LYS A 151 12.69 21.80 -28.00
N GLY A 152 12.47 21.22 -26.81
CA GLY A 152 12.95 21.81 -25.57
C GLY A 152 12.09 22.90 -24.98
N ARG A 153 10.86 23.04 -25.47
CA ARG A 153 9.96 24.05 -24.92
C ARG A 153 8.51 23.60 -25.07
N ASP A 154 7.69 23.96 -24.09
CA ASP A 154 6.26 23.66 -24.14
C ASP A 154 5.48 24.94 -24.36
N LEU A 155 4.83 25.04 -25.52
CA LEU A 155 3.94 26.19 -25.79
C LEU A 155 2.59 25.86 -25.20
N ILE A 156 1.72 26.85 -25.04
CA ILE A 156 0.45 26.65 -24.38
C ILE A 156 -0.67 27.12 -25.32
N CYS A 157 -1.74 26.34 -25.38
CA CYS A 157 -2.91 26.72 -26.16
C CYS A 157 -4.11 26.73 -25.23
N ILE A 158 -4.79 27.86 -25.16
CA ILE A 158 -5.96 28.01 -24.31
C ILE A 158 -7.21 28.10 -25.18
N GLN A 159 -8.21 27.27 -24.90
CA GLN A 159 -9.50 27.40 -25.56
C GLN A 159 -10.39 28.36 -24.77
N SER A 160 -10.93 29.39 -25.44
CA SER A 160 -11.83 30.31 -24.78
C SER A 160 -13.23 29.70 -24.67
N MSE A 161 -14.07 30.29 -23.82
CA MSE A 161 -15.45 29.81 -23.69
C MSE A 161 -16.18 29.92 -25.03
O MSE A 161 -17.06 29.09 -25.30
CB MSE A 161 -16.21 30.59 -22.62
CG MSE A 161 -15.71 30.32 -21.19
SE MSE A 161 -16.02 28.46 -20.63
CE MSE A 161 -17.87 28.23 -21.21
N ASP A 162 -15.83 30.89 -25.86
CA ASP A 162 -16.55 31.06 -27.13
C ASP A 162 -15.77 30.45 -28.32
N GLY A 163 -14.77 29.63 -28.02
CA GLY A 163 -14.20 28.77 -29.04
C GLY A 163 -13.03 29.27 -29.85
N MSE A 164 -12.27 30.21 -29.29
CA MSE A 164 -11.01 30.60 -29.90
C MSE A 164 -9.90 29.79 -29.28
O MSE A 164 -9.85 29.64 -28.07
CB MSE A 164 -10.74 32.10 -29.71
CG MSE A 164 -9.39 32.52 -30.22
SE MSE A 164 -9.14 34.45 -30.15
CE MSE A 164 -9.79 34.85 -31.93
N LEU A 165 -9.02 29.26 -30.12
CA LEU A 165 -7.77 28.67 -29.65
C LEU A 165 -6.72 29.77 -29.63
N MSE A 166 -6.18 30.02 -28.43
CA MSE A 166 -5.23 31.09 -28.19
C MSE A 166 -3.88 30.48 -27.85
O MSE A 166 -3.73 29.78 -26.85
CB MSE A 166 -5.74 32.00 -27.07
CG MSE A 166 -7.16 32.56 -27.32
SE MSE A 166 -7.88 33.74 -25.91
CE MSE A 166 -8.24 32.36 -24.53
N VAL A 167 -2.89 30.72 -28.72
CA VAL A 167 -1.60 30.07 -28.62
C VAL A 167 -0.57 31.05 -28.08
N PHE A 168 0.14 30.60 -27.06
CA PHE A 168 1.17 31.38 -26.41
C PHE A 168 2.52 30.70 -26.54
N GLU A 169 3.49 31.43 -27.08
CA GLU A 169 4.85 30.92 -27.21
CA GLU A 169 4.85 30.93 -27.21
C GLU A 169 5.62 31.37 -25.98
N GLN A 170 5.42 30.63 -24.88
CA GLN A 170 6.00 30.95 -23.59
C GLN A 170 5.67 32.41 -23.22
N GLU A 171 6.68 33.28 -23.09
CA GLU A 171 6.46 34.66 -22.64
C GLU A 171 5.68 35.53 -23.63
N SER A 172 5.44 35.06 -24.85
CA SER A 172 4.75 35.93 -25.81
C SER A 172 3.53 35.30 -26.46
N TYR A 173 2.51 36.13 -26.70
CA TYR A 173 1.31 35.70 -27.39
C TYR A 173 1.62 35.50 -28.87
N ALA A 174 1.20 34.38 -29.42
CA ALA A 174 1.47 34.08 -30.83
C ALA A 174 0.29 34.47 -31.72
N PHE A 175 -0.86 33.82 -31.54
CA PHE A 175 -2.02 34.10 -32.36
C PHE A 175 -3.28 33.46 -31.77
N GLY A 176 -4.42 33.80 -32.35
CA GLY A 176 -5.69 33.19 -31.96
C GLY A 176 -6.56 32.86 -33.16
N ARG A 177 -7.26 31.72 -33.10
CA ARG A 177 -8.11 31.25 -34.20
C ARG A 177 -9.42 30.73 -33.67
N PHE A 178 -10.54 31.15 -34.28
CA PHE A 178 -11.84 30.58 -33.91
C PHE A 178 -12.07 29.22 -34.57
N LEU A 179 -12.50 28.26 -33.75
CA LEU A 179 -12.95 26.95 -34.25
C LEU A 179 -14.27 27.03 -35.02
N PRO A 180 -14.34 26.35 -36.17
CA PRO A 180 -15.62 26.22 -36.86
C PRO A 180 -16.45 25.08 -36.25
N GLY A 181 -17.75 25.09 -36.51
CA GLY A 181 -18.66 24.05 -36.03
C GLY A 181 -18.71 24.01 -34.52
N PHE A 182 -18.62 25.20 -33.92
CA PHE A 182 -18.46 25.32 -32.47
C PHE A 182 -19.76 25.70 -31.79
N LEU A 183 -20.07 25.07 -30.67
CA LEU A 183 -21.22 25.48 -29.87
C LEU A 183 -20.80 25.69 -28.41
N LEU A 184 -20.49 24.59 -27.73
CA LEU A 184 -19.89 24.63 -26.38
C LEU A 184 -18.48 24.01 -26.38
N PRO A 185 -17.59 24.54 -25.53
CA PRO A 185 -16.20 24.07 -25.58
C PRO A 185 -16.03 22.64 -25.05
N GLY A 186 -15.35 21.81 -25.83
CA GLY A 186 -15.11 20.43 -25.44
C GLY A 186 -13.72 20.29 -24.83
N PRO A 187 -13.35 19.05 -24.47
CA PRO A 187 -11.99 18.80 -23.97
C PRO A 187 -10.98 19.13 -25.05
N LEU A 188 -9.74 19.42 -24.64
CA LEU A 188 -8.72 19.85 -25.58
C LEU A 188 -7.40 19.14 -25.30
N ALA A 189 -6.74 18.65 -26.35
CA ALA A 189 -5.44 17.99 -26.18
C ALA A 189 -4.55 18.22 -27.38
N TYR A 190 -3.25 18.21 -27.15
CA TYR A 190 -2.26 18.32 -28.21
C TYR A 190 -1.61 16.97 -28.49
N SER A 191 -1.53 16.61 -29.77
CA SER A 191 -0.81 15.41 -30.19
C SER A 191 0.54 15.78 -30.79
N SER A 192 1.64 15.43 -30.13
CA SER A 192 2.95 15.77 -30.66
C SER A 192 3.25 14.96 -31.93
N ARG A 193 2.75 13.73 -32.00
CA ARG A 193 3.07 12.86 -33.13
C ARG A 193 2.49 13.40 -34.43
N THR A 194 1.31 13.99 -34.36
CA THR A 194 0.69 14.55 -35.56
C THR A 194 0.72 16.07 -35.57
N ASP A 195 1.39 16.65 -34.58
CA ASP A 195 1.44 18.10 -34.36
C ASP A 195 0.05 18.71 -34.60
N SER A 196 -0.94 18.23 -33.83
CA SER A 196 -2.32 18.68 -34.00
C SER A 196 -3.03 18.89 -32.67
N PHE A 197 -4.08 19.70 -32.71
CA PHE A 197 -4.97 19.88 -31.55
C PHE A 197 -6.21 19.03 -31.74
N LEU A 198 -6.61 18.33 -30.68
CA LEU A 198 -7.82 17.51 -30.74
C LEU A 198 -8.87 18.07 -29.80
N THR A 199 -10.12 18.08 -30.26
CA THR A 199 -11.20 18.44 -29.38
C THR A 199 -12.43 17.62 -29.75
N VAL A 200 -13.51 17.76 -28.97
CA VAL A 200 -14.79 17.16 -29.35
C VAL A 200 -15.87 18.22 -29.28
N SER A 201 -16.63 18.36 -30.37
CA SER A 201 -17.62 19.43 -30.47
C SER A 201 -18.95 19.03 -29.87
N SER A 202 -19.87 20.00 -29.77
CA SER A 202 -21.20 19.72 -29.24
C SER A 202 -22.03 18.82 -30.13
N CYS A 203 -21.71 18.78 -31.43
CA CYS A 203 -22.45 17.86 -32.29
C CYS A 203 -21.70 16.52 -32.38
N GLN A 204 -20.88 16.25 -31.38
CA GLN A 204 -20.35 14.92 -31.07
C GLN A 204 -19.31 14.44 -32.09
N GLN A 205 -18.56 15.39 -32.64
CA GLN A 205 -17.47 15.11 -33.55
C GLN A 205 -16.13 15.27 -32.86
N VAL A 206 -15.32 14.22 -32.86
CA VAL A 206 -13.91 14.36 -32.54
C VAL A 206 -13.23 15.06 -33.71
N GLU A 207 -12.49 16.13 -33.45
CA GLU A 207 -11.88 16.92 -34.51
C GLU A 207 -10.40 17.11 -34.28
N SER A 208 -9.63 17.02 -35.36
CA SER A 208 -8.18 17.19 -35.28
C SER A 208 -7.77 18.35 -36.19
N TYR A 209 -7.07 19.32 -35.64
CA TYR A 209 -6.58 20.48 -36.39
C TYR A 209 -5.06 20.54 -36.39
N LYS A 210 -4.45 20.56 -37.57
CA LYS A 210 -3.01 20.70 -37.69
CA LYS A 210 -3.01 20.69 -37.67
C LYS A 210 -2.53 22.05 -37.18
N TYR A 211 -1.48 22.04 -36.37
CA TYR A 211 -0.94 23.29 -35.83
C TYR A 211 -0.58 24.31 -36.91
N GLN A 212 0.10 23.87 -37.96
CA GLN A 212 0.53 24.80 -38.99
C GLN A 212 -0.65 25.36 -39.78
N VAL A 213 -1.69 24.54 -39.97
CA VAL A 213 -2.90 25.02 -40.62
C VAL A 213 -3.53 26.10 -39.75
N LEU A 214 -3.59 25.87 -38.44
CA LEU A 214 -4.04 26.89 -37.51
C LEU A 214 -3.18 28.15 -37.61
N ALA A 215 -1.86 27.97 -37.53
CA ALA A 215 -0.93 29.08 -37.55
C ALA A 215 -1.10 29.92 -38.82
N PHE A 216 -1.29 29.24 -39.95
CA PHE A 216 -1.31 29.94 -41.24
C PHE A 216 -2.71 30.31 -41.72
N ALA A 217 -3.74 29.90 -40.98
CA ALA A 217 -5.12 30.29 -41.31
C ALA A 217 -5.42 31.67 -40.75
N THR A 218 -4.67 32.65 -41.22
CA THR A 218 -4.71 34.01 -40.68
C THR A 218 -6.08 34.67 -40.80
N ASP A 219 -7.02 33.99 -41.44
CA ASP A 219 -8.34 34.54 -41.71
C ASP A 219 -9.41 33.97 -40.78
N ALA A 220 -8.98 33.38 -39.67
CA ALA A 220 -9.92 32.84 -38.68
C ALA A 220 -9.80 33.57 -37.33
N ASP A 221 -9.03 34.65 -37.30
CA ASP A 221 -8.87 35.42 -36.06
C ASP A 221 -10.07 36.36 -35.85
N LYS A 222 -11.02 36.31 -36.77
CA LYS A 222 -12.26 37.05 -36.66
C LYS A 222 -13.43 36.15 -37.06
N LEU A 237 -9.83 28.28 -41.50
CA LEU A 237 -9.38 27.15 -40.69
C LEU A 237 -10.16 25.89 -41.04
N VAL A 238 -9.47 24.88 -41.55
CA VAL A 238 -10.12 23.63 -41.92
C VAL A 238 -9.67 22.47 -41.03
N VAL A 239 -10.62 21.61 -40.69
CA VAL A 239 -10.32 20.46 -39.86
C VAL A 239 -9.48 19.48 -40.69
N ASP A 240 -8.59 18.73 -40.03
CA ASP A 240 -7.77 17.73 -40.73
C ASP A 240 -8.58 16.45 -40.90
N TRP A 241 -9.13 15.95 -39.80
CA TRP A 241 -10.08 14.86 -39.87
C TRP A 241 -11.12 14.99 -38.75
N THR A 242 -12.22 14.27 -38.92
CA THR A 242 -13.33 14.29 -37.96
CA THR A 242 -13.28 14.29 -37.93
C THR A 242 -13.86 12.89 -37.77
N LEU A 243 -14.39 12.59 -36.58
CA LEU A 243 -14.99 11.29 -36.30
C LEU A 243 -16.24 11.51 -35.47
N ASN A 244 -17.39 11.08 -35.97
CA ASN A 244 -18.59 11.18 -35.15
C ASN A 244 -18.66 10.03 -34.18
N ILE A 245 -18.64 10.33 -32.88
CA ILE A 245 -18.70 9.28 -31.87
C ILE A 245 -20.09 9.11 -31.25
N GLY A 246 -21.03 9.94 -31.68
CA GLY A 246 -22.44 9.77 -31.33
C GLY A 246 -22.81 10.05 -29.89
N GLU A 247 -21.94 10.73 -29.16
CA GLU A 247 -22.20 11.06 -27.76
C GLU A 247 -21.30 12.20 -27.34
N GLN A 248 -21.60 12.84 -26.21
CA GLN A 248 -20.75 13.90 -25.70
C GLN A 248 -19.49 13.31 -25.07
N ALA A 249 -18.36 13.99 -25.25
CA ALA A 249 -17.10 13.58 -24.63
C ALA A 249 -16.86 14.25 -23.29
N LEU A 250 -16.35 13.48 -22.33
CA LEU A 250 -15.95 14.02 -21.02
CA LEU A 250 -15.94 14.02 -21.03
C LEU A 250 -14.49 14.48 -21.04
N ASP A 251 -13.64 13.74 -21.73
CA ASP A 251 -12.22 14.01 -21.68
C ASP A 251 -11.52 13.39 -22.89
N ILE A 252 -10.34 13.93 -23.21
CA ILE A 252 -9.44 13.34 -24.20
C ILE A 252 -8.06 13.25 -23.58
N CYS A 253 -7.36 12.16 -23.85
CA CYS A 253 -6.00 11.95 -23.35
C CYS A 253 -5.17 11.35 -24.46
N ILE A 254 -4.08 12.01 -24.87
CA ILE A 254 -3.24 11.43 -25.92
C ILE A 254 -2.00 10.82 -25.31
N VAL A 255 -1.76 9.53 -25.55
CA VAL A 255 -0.63 8.82 -24.94
C VAL A 255 0.12 7.93 -25.93
N SER A 256 1.40 7.70 -25.66
CA SER A 256 2.18 6.71 -26.37
C SER A 256 3.10 5.98 -25.39
N PHE A 257 3.04 4.65 -25.40
CA PHE A 257 3.85 3.85 -24.48
C PHE A 257 4.73 2.84 -25.20
N SER A 260 5.39 2.77 -28.64
CA SER A 260 5.85 3.84 -29.52
C SER A 260 4.72 4.40 -30.40
N ALA A 261 3.68 3.60 -30.62
CA ALA A 261 2.57 4.02 -31.49
C ALA A 261 1.52 4.82 -30.72
N SER A 262 1.28 6.04 -31.19
CA SER A 262 0.45 7.01 -30.48
C SER A 262 -1.05 6.69 -30.52
N SER A 263 -1.76 7.05 -29.44
CA SER A 263 -3.19 6.79 -29.36
C SER A 263 -3.96 7.97 -28.78
N VAL A 264 -5.11 8.24 -29.38
CA VAL A 264 -6.03 9.26 -28.90
C VAL A 264 -7.12 8.60 -28.09
N PHE A 265 -7.13 8.81 -26.77
CA PHE A 265 -8.21 8.19 -25.98
C PHE A 265 -9.30 9.19 -25.72
N VAL A 266 -10.55 8.77 -25.93
CA VAL A 266 -11.70 9.63 -25.66
C VAL A 266 -12.62 8.95 -24.65
N LEU A 267 -12.89 9.68 -23.57
CA LEU A 267 -13.87 9.24 -22.59
C LEU A 267 -15.23 9.85 -22.92
N GLY A 268 -16.15 9.05 -23.42
CA GLY A 268 -17.50 9.52 -23.72
C GLY A 268 -18.42 9.27 -22.54
N GLU A 269 -19.63 9.78 -22.61
CA GLU A 269 -20.63 9.54 -21.57
CA GLU A 269 -20.62 9.54 -21.56
C GLU A 269 -21.07 8.08 -21.53
N ARG A 270 -20.94 7.40 -22.67
CA ARG A 270 -21.45 6.02 -22.78
C ARG A 270 -20.39 5.01 -23.21
N ASN A 271 -19.34 5.51 -23.86
CA ASN A 271 -18.32 4.64 -24.43
C ASN A 271 -16.93 5.19 -24.19
N PHE A 272 -15.97 4.30 -24.27
CA PHE A 272 -14.57 4.66 -24.17
C PHE A 272 -13.94 4.28 -25.51
N PHE A 273 -13.20 5.21 -26.10
CA PHE A 273 -12.61 5.02 -27.43
C PHE A 273 -11.09 5.11 -27.42
N CYS A 274 -10.45 4.25 -28.22
CA CYS A 274 -9.05 4.42 -28.52
C CYS A 274 -8.91 4.64 -30.03
N LEU A 275 -8.46 5.83 -30.43
CA LEU A 275 -8.30 6.16 -31.86
C LEU A 275 -6.86 6.09 -32.33
N LYS A 276 -6.68 5.68 -33.58
CA LYS A 276 -5.39 5.86 -34.25
C LYS A 276 -5.18 7.35 -34.48
N ASP A 277 -3.92 7.74 -34.68
CA ASP A 277 -3.54 9.13 -34.93
C ASP A 277 -4.30 9.76 -36.08
N ASN A 278 -4.68 8.93 -37.05
CA ASN A 278 -5.29 9.41 -38.28
C ASN A 278 -6.82 9.48 -38.14
N GLY A 279 -7.29 9.18 -36.94
CA GLY A 279 -8.69 9.34 -36.62
C GLY A 279 -9.55 8.09 -36.75
N GLN A 280 -8.96 6.96 -37.14
CA GLN A 280 -9.76 5.74 -37.24
C GLN A 280 -9.88 5.12 -35.87
N ILE A 281 -11.00 4.49 -35.58
CA ILE A 281 -11.16 3.79 -34.32
CA ILE A 281 -11.11 3.82 -34.30
C ILE A 281 -10.20 2.60 -34.26
N ARG A 282 -9.40 2.49 -33.20
CA ARG A 282 -8.59 1.30 -32.99
CA ARG A 282 -8.59 1.30 -32.98
C ARG A 282 -9.39 0.28 -32.17
N PHE A 283 -9.98 0.74 -31.07
CA PHE A 283 -10.98 -0.08 -30.38
C PHE A 283 -11.93 0.81 -29.60
N MSE A 284 -13.07 0.26 -29.21
CA MSE A 284 -14.01 0.98 -28.36
CA MSE A 284 -14.02 0.99 -28.39
C MSE A 284 -14.74 0.00 -27.46
O MSE A 284 -14.82 -1.19 -27.76
CB MSE A 284 -15.00 1.79 -29.21
CB MSE A 284 -15.01 1.78 -29.26
CG MSE A 284 -16.02 0.95 -29.89
CG MSE A 284 -16.24 2.36 -28.56
SE MSE A 284 -17.28 2.02 -30.96
SE MSE A 284 -17.69 1.06 -28.57
CE MSE A 284 -18.25 2.81 -29.50
CE MSE A 284 -16.98 -0.04 -29.99
N LYS A 285 -15.25 0.52 -26.36
CA LYS A 285 -15.86 -0.29 -25.33
C LYS A 285 -17.07 0.45 -24.74
N LYS A 286 -18.23 -0.19 -24.75
CA LYS A 286 -19.40 0.36 -24.06
CA LYS A 286 -19.40 0.35 -24.07
C LYS A 286 -19.19 0.25 -22.56
N LEU A 287 -19.41 1.35 -21.86
CA LEU A 287 -19.24 1.34 -20.41
C LEU A 287 -20.55 0.96 -19.73
N ASP A 288 -20.47 0.13 -18.70
CA ASP A 288 -21.67 -0.36 -18.01
C ASP A 288 -22.10 0.56 -16.86
N TRP A 289 -21.34 1.63 -16.66
CA TRP A 289 -21.58 2.60 -15.59
C TRP A 289 -21.20 3.99 -16.12
N SER A 290 -21.86 5.04 -15.65
CA SER A 290 -21.53 6.41 -16.06
C SER A 290 -20.13 6.83 -15.54
N PRO A 291 -19.21 7.12 -16.46
CA PRO A 291 -17.87 7.51 -15.99
C PRO A 291 -17.81 8.94 -15.46
N SER A 292 -16.85 9.19 -14.58
CA SER A 292 -16.58 10.54 -14.10
C SER A 292 -15.23 11.04 -14.59
N CYS A 293 -14.27 10.14 -14.77
CA CYS A 293 -12.94 10.56 -15.22
C CYS A 293 -12.13 9.36 -15.68
N PHE A 294 -10.98 9.59 -16.30
CA PHE A 294 -10.16 8.47 -16.75
C PHE A 294 -8.70 8.85 -16.95
N LEU A 295 -7.86 7.84 -17.12
CA LEU A 295 -6.44 8.04 -17.36
C LEU A 295 -5.82 6.79 -17.96
N PRO A 296 -5.55 6.79 -19.27
CA PRO A 296 -4.67 5.78 -19.87
C PRO A 296 -3.27 5.99 -19.29
N TYR A 297 -2.75 5.04 -18.51
CA TYR A 297 -1.62 5.36 -17.63
C TYR A 297 -0.39 4.50 -17.82
N CYS A 298 -0.51 3.37 -18.51
CA CYS A 298 0.67 2.55 -18.75
C CYS A 298 0.38 1.46 -19.77
N SER A 299 1.44 0.80 -20.21
CA SER A 299 1.31 -0.41 -21.00
C SER A 299 2.08 -1.52 -20.31
N VAL A 300 1.40 -2.63 -20.02
CA VAL A 300 2.08 -3.75 -19.34
C VAL A 300 2.47 -4.84 -20.32
N SER A 301 2.06 -4.69 -21.58
CA SER A 301 2.51 -5.62 -22.63
C SER A 301 2.39 -4.96 -23.98
N GLU A 302 3.25 -5.38 -24.91
CA GLU A 302 3.30 -4.74 -26.22
C GLU A 302 1.94 -4.71 -26.91
N GLY A 303 1.58 -3.55 -27.44
CA GLY A 303 0.32 -3.41 -28.16
C GLY A 303 -0.88 -3.19 -27.26
N THR A 304 -0.72 -3.28 -25.94
CA THR A 304 -1.86 -3.02 -25.06
C THR A 304 -1.67 -1.79 -24.19
N ILE A 305 -2.78 -1.28 -23.67
CA ILE A 305 -2.81 -0.08 -22.86
CA ILE A 305 -2.74 -0.12 -22.81
C ILE A 305 -3.69 -0.30 -21.63
N ASN A 306 -3.21 0.11 -20.46
CA ASN A 306 -4.05 0.08 -19.25
C ASN A 306 -4.66 1.44 -18.97
N THR A 307 -5.96 1.45 -18.65
CA THR A 307 -6.70 2.69 -18.44
C THR A 307 -7.49 2.66 -17.14
N LEU A 308 -7.32 3.69 -16.33
CA LEU A 308 -8.13 3.87 -15.13
C LEU A 308 -9.41 4.58 -15.51
N ILE A 309 -10.54 4.11 -15.01
CA ILE A 309 -11.80 4.83 -15.20
C ILE A 309 -12.55 4.93 -13.88
N GLY A 310 -12.80 6.15 -13.43
CA GLY A 310 -13.53 6.41 -12.21
C GLY A 310 -14.98 6.64 -12.58
N ASN A 311 -15.90 6.33 -11.67
CA ASN A 311 -17.32 6.41 -11.99
C ASN A 311 -18.14 7.10 -10.92
N HIS A 312 -19.42 7.36 -11.22
CA HIS A 312 -20.28 8.07 -10.29
C HIS A 312 -20.83 7.17 -9.21
N ASN A 313 -20.47 5.89 -9.25
CA ASN A 313 -20.86 4.97 -8.19
C ASN A 313 -19.69 4.65 -7.24
N ASN A 314 -18.72 5.55 -7.21
CA ASN A 314 -17.53 5.44 -6.35
C ASN A 314 -16.56 4.31 -6.71
N MSE A 315 -16.78 3.65 -7.83
CA MSE A 315 -15.90 2.57 -8.26
CA MSE A 315 -15.89 2.57 -8.25
C MSE A 315 -14.78 3.09 -9.13
O MSE A 315 -14.97 4.02 -9.93
CB MSE A 315 -16.69 1.49 -9.01
CB MSE A 315 -16.66 1.48 -8.96
CG MSE A 315 -17.76 0.81 -8.19
CG MSE A 315 -17.56 0.67 -8.04
SE MSE A 315 -17.07 -0.11 -6.62
SE MSE A 315 -17.88 -1.11 -8.74
CE MSE A 315 -15.82 -1.32 -7.49
CE MSE A 315 -18.83 -0.66 -10.37
N LEU A 316 -13.60 2.52 -8.98
CA LEU A 316 -12.47 2.83 -9.84
C LEU A 316 -12.05 1.55 -10.56
N HIS A 317 -12.02 1.58 -11.89
CA HIS A 317 -11.75 0.39 -12.69
C HIS A 317 -10.45 0.50 -13.46
N ILE A 318 -9.78 -0.62 -13.68
CA ILE A 318 -8.65 -0.66 -14.59
C ILE A 318 -8.95 -1.63 -15.71
N TYR A 319 -8.88 -1.13 -16.94
CA TYR A 319 -9.01 -1.93 -18.15
C TYR A 319 -7.67 -2.12 -18.83
N GLN A 320 -7.40 -3.34 -19.29
CA GLN A 320 -6.36 -3.56 -20.27
C GLN A 320 -7.07 -3.68 -21.61
N ASP A 321 -6.83 -2.71 -22.49
CA ASP A 321 -7.61 -2.52 -23.72
C ASP A 321 -9.08 -2.38 -23.30
N VAL A 322 -9.95 -3.34 -23.64
CA VAL A 322 -11.34 -3.23 -23.20
C VAL A 322 -11.70 -4.23 -22.09
N THR A 323 -10.69 -4.91 -21.54
CA THR A 323 -10.96 -5.99 -20.61
C THR A 323 -10.77 -5.51 -19.16
N LEU A 324 -11.80 -5.62 -18.34
CA LEU A 324 -11.67 -5.23 -16.93
C LEU A 324 -10.69 -6.15 -16.19
N LYS A 325 -9.75 -5.54 -15.47
CA LYS A 325 -8.70 -6.32 -14.79
C LYS A 325 -8.73 -6.16 -13.27
N TRP A 326 -9.33 -5.08 -12.81
CA TRP A 326 -9.23 -4.71 -11.39
C TRP A 326 -10.27 -3.67 -11.06
N ALA A 327 -10.78 -3.72 -9.84
CA ALA A 327 -11.80 -2.78 -9.40
C ALA A 327 -11.70 -2.50 -7.90
N THR A 328 -11.84 -1.23 -7.53
CA THR A 328 -11.83 -0.82 -6.14
CA THR A 328 -11.89 -0.86 -6.12
C THR A 328 -12.94 0.18 -5.84
N GLN A 329 -13.45 0.14 -4.62
CA GLN A 329 -14.40 1.13 -4.16
C GLN A 329 -13.61 2.28 -3.56
N LEU A 330 -13.95 3.50 -3.97
CA LEU A 330 -13.39 4.69 -3.38
C LEU A 330 -14.39 5.28 -2.40
N PRO A 331 -13.91 6.00 -1.38
CA PRO A 331 -14.80 6.67 -0.43
C PRO A 331 -15.55 7.85 -1.06
N HIS A 332 -15.05 8.35 -2.18
CA HIS A 332 -15.65 9.51 -2.83
C HIS A 332 -15.57 9.41 -4.34
N ILE A 333 -16.48 10.07 -5.03
CA ILE A 333 -16.46 10.09 -6.49
C ILE A 333 -15.30 10.94 -7.01
N PRO A 334 -14.43 10.34 -7.81
CA PRO A 334 -13.27 11.08 -8.34
C PRO A 334 -13.66 11.98 -9.51
N VAL A 335 -13.24 13.24 -9.49
CA VAL A 335 -13.35 14.09 -10.68
C VAL A 335 -12.06 14.08 -11.46
N ALA A 336 -10.97 13.63 -10.83
CA ALA A 336 -9.70 13.46 -11.52
C ALA A 336 -8.91 12.34 -10.87
N VAL A 337 -8.14 11.63 -11.70
CA VAL A 337 -7.23 10.59 -11.22
C VAL A 337 -5.91 10.75 -11.94
N ARG A 338 -4.81 10.59 -11.21
CA ARG A 338 -3.48 10.59 -11.78
C ARG A 338 -2.65 9.44 -11.22
N VAL A 339 -1.62 9.03 -11.95
CA VAL A 339 -0.68 8.03 -11.48
C VAL A 339 0.73 8.60 -11.50
N GLY A 340 1.51 8.34 -10.46
CA GLY A 340 2.86 8.88 -10.49
C GLY A 340 3.76 8.30 -9.46
N CYS A 341 4.89 8.96 -9.25
CA CYS A 341 5.90 8.49 -8.33
CA CYS A 341 5.90 8.49 -8.33
C CYS A 341 5.90 9.31 -7.04
N LEU A 342 5.46 8.66 -5.96
CA LEU A 342 5.33 9.29 -4.65
C LEU A 342 5.87 8.33 -3.63
N HIS A 343 6.42 8.86 -2.54
CA HIS A 343 6.95 8.02 -1.46
C HIS A 343 7.99 7.05 -2.03
N ASP A 344 8.70 7.50 -3.06
CA ASP A 344 9.77 6.76 -3.73
C ASP A 344 9.28 5.45 -4.35
N LEU A 345 8.00 5.42 -4.69
CA LEU A 345 7.35 4.27 -5.30
C LEU A 345 6.68 4.69 -6.60
N LYS A 346 6.75 3.84 -7.63
CA LYS A 346 6.06 4.15 -8.87
C LYS A 346 4.62 3.60 -8.83
N GLY A 347 3.78 4.08 -9.74
CA GLY A 347 2.43 3.58 -9.86
C GLY A 347 1.50 3.89 -8.70
N VAL A 348 1.75 4.99 -8.00
CA VAL A 348 0.83 5.44 -6.95
C VAL A 348 -0.37 6.15 -7.58
N ILE A 349 -1.57 5.77 -7.15
CA ILE A 349 -2.80 6.38 -7.64
C ILE A 349 -3.17 7.57 -6.77
N VAL A 350 -3.45 8.70 -7.41
CA VAL A 350 -3.94 9.86 -6.67
C VAL A 350 -5.33 10.22 -7.20
N THR A 351 -6.31 10.30 -6.30
CA THR A 351 -7.66 10.73 -6.70
C THR A 351 -8.09 12.03 -6.01
N LEU A 352 -8.88 12.82 -6.73
CA LEU A 352 -9.46 14.05 -6.20
C LEU A 352 -10.95 14.07 -6.46
N SER A 353 -11.74 14.36 -5.42
CA SER A 353 -13.20 14.47 -5.55
C SER A 353 -13.60 15.93 -5.77
N ASP A 354 -14.86 16.19 -6.14
CA ASP A 354 -15.23 17.56 -6.46
C ASP A 354 -15.39 18.43 -5.23
N ASP A 355 -15.36 17.82 -4.04
CA ASP A 355 -15.42 18.61 -2.82
C ASP A 355 -14.10 18.55 -2.04
N GLY A 356 -13.05 18.09 -2.70
CA GLY A 356 -11.72 18.25 -2.15
C GLY A 356 -11.15 17.11 -1.34
N HIS A 357 -11.72 15.93 -1.46
CA HIS A 357 -11.09 14.76 -0.86
C HIS A 357 -9.95 14.31 -1.76
N LEU A 358 -8.75 14.31 -1.21
CA LEU A 358 -7.55 13.97 -1.96
C LEU A 358 -6.92 12.75 -1.32
N GLN A 359 -6.68 11.71 -2.10
CA GLN A 359 -6.22 10.43 -1.54
CA GLN A 359 -6.17 10.48 -1.51
C GLN A 359 -5.13 9.75 -2.39
N CYS A 360 -4.13 9.19 -1.72
CA CYS A 360 -3.12 8.38 -2.41
C CYS A 360 -3.32 6.93 -2.05
N SER A 361 -3.22 6.06 -3.05
CA SER A 361 -3.35 4.62 -2.82
CA SER A 361 -3.38 4.63 -2.85
C SER A 361 -2.42 3.83 -3.71
N TYR A 362 -2.22 2.57 -3.35
CA TYR A 362 -1.41 1.65 -4.14
C TYR A 362 -2.31 0.76 -5.00
N LEU A 363 -1.78 0.32 -6.12
CA LEU A 363 -2.53 -0.61 -6.96
C LEU A 363 -2.79 -1.93 -6.24
N GLY A 364 -3.66 -2.76 -6.81
CA GLY A 364 -3.95 -4.07 -6.24
C GLY A 364 -2.68 -4.87 -6.06
N THR A 365 -2.70 -5.78 -5.11
CA THR A 365 -1.52 -6.57 -4.81
C THR A 365 -1.45 -7.81 -5.69
N ASP A 366 -0.22 -8.30 -5.87
CA ASP A 366 0.05 -9.53 -6.61
C ASP A 366 -0.68 -10.73 -5.98
N PRO A 367 -1.63 -11.32 -6.71
CA PRO A 367 -2.45 -12.42 -6.18
C PRO A 367 -1.68 -13.73 -5.96
N SER A 368 -0.46 -13.83 -6.48
CA SER A 368 0.36 -15.00 -6.21
C SER A 368 1.03 -14.87 -4.85
N LEU A 369 0.88 -13.71 -4.22
CA LEU A 369 1.55 -13.48 -2.95
C LEU A 369 0.64 -13.70 -1.74
N PHE A 370 -0.67 -13.60 -1.96
CA PHE A 370 -1.60 -13.86 -0.88
C PHE A 370 -3.00 -14.20 -1.36
N GLN A 371 -3.59 -15.20 -0.71
CA GLN A 371 -4.98 -15.56 -0.89
C GLN A 371 -5.51 -16.01 0.47
N ALA A 372 -6.66 -15.50 0.86
CA ALA A 372 -7.27 -15.86 2.14
C ALA A 372 -7.83 -17.28 2.10
N PRO A 373 -7.86 -17.97 3.25
CA PRO A 373 -8.45 -19.31 3.31
C PRO A 373 -9.97 -19.29 3.14
N LYS B 9 10.24 -2.32 -3.57
CA LYS B 9 10.22 -1.60 -2.31
C LYS B 9 8.89 -1.89 -1.65
N ALA B 10 8.79 -1.66 -0.34
CA ALA B 10 7.60 -2.05 0.40
C ALA B 10 6.50 -1.03 0.21
N ARG B 11 5.26 -1.51 0.13
CA ARG B 11 4.10 -0.61 0.06
C ARG B 11 3.63 -0.37 1.48
N ASP B 12 4.39 0.44 2.20
CA ASP B 12 4.12 0.69 3.60
C ASP B 12 3.05 1.76 3.79
N TRP B 13 2.31 1.68 4.88
CA TRP B 13 1.29 2.70 5.13
C TRP B 13 1.24 3.18 6.58
N TRP B 14 2.12 2.66 7.44
CA TRP B 14 2.13 3.06 8.86
C TRP B 14 3.40 2.56 9.53
N SER B 15 4.03 3.41 10.32
CA SER B 15 5.10 2.89 11.18
C SER B 15 5.23 3.72 12.44
N THR B 16 5.86 3.11 13.44
CA THR B 16 6.16 3.83 14.66
C THR B 16 7.45 3.27 15.23
N ILE B 17 8.00 3.98 16.22
CA ILE B 17 9.13 3.48 16.98
C ILE B 17 8.69 3.30 18.42
N LEU B 18 8.87 2.10 18.96
CA LEU B 18 8.39 1.78 20.31
C LEU B 18 9.37 2.20 21.40
N GLY B 19 9.03 3.27 22.11
CA GLY B 19 9.85 3.72 23.22
C GLY B 19 11.21 4.26 22.83
N ASP B 20 12.11 4.26 23.80
CA ASP B 20 13.44 4.85 23.65
C ASP B 20 14.49 3.78 23.89
N LYS B 21 15.08 3.28 22.80
CA LYS B 21 16.10 2.24 22.87
C LYS B 21 15.62 1.01 23.60
N GLU B 22 14.40 0.58 23.27
CA GLU B 22 13.86 -0.65 23.82
C GLU B 22 14.32 -1.84 22.95
N GLU B 23 14.22 -3.05 23.50
CA GLU B 23 14.69 -4.25 22.79
C GLU B 23 13.55 -5.26 22.68
N PHE B 24 13.57 -6.00 21.57
CA PHE B 24 12.50 -6.92 21.23
C PHE B 24 13.12 -8.15 20.61
N ASP B 25 12.41 -9.28 20.68
CA ASP B 25 12.87 -10.45 19.94
C ASP B 25 11.68 -11.23 19.45
N GLN B 26 11.95 -12.37 18.84
CA GLN B 26 10.88 -13.19 18.35
C GLN B 26 10.00 -13.57 19.53
N GLY B 27 8.71 -13.67 19.30
CA GLY B 27 7.82 -13.91 20.41
C GLY B 27 7.13 -12.64 20.91
N CYS B 28 7.70 -11.47 20.62
CA CYS B 28 7.20 -10.22 21.18
C CYS B 28 6.06 -9.58 20.38
N LEU B 29 5.73 -10.16 19.22
CA LEU B 29 4.75 -9.57 18.29
C LEU B 29 3.58 -10.51 18.09
N CYS B 30 2.38 -10.01 18.31
CA CYS B 30 1.19 -10.81 18.11
C CYS B 30 0.12 -10.01 17.33
N LEU B 31 -0.54 -10.66 16.37
CA LEU B 31 -1.62 -10.05 15.61
CA LEU B 31 -1.63 -10.04 15.62
C LEU B 31 -2.92 -10.79 15.87
N ALA B 32 -3.90 -10.16 16.49
CA ALA B 32 -5.12 -10.89 16.88
C ALA B 32 -6.25 -9.96 17.24
N ASN B 33 -7.47 -10.49 17.22
CA ASN B 33 -8.66 -9.75 17.65
C ASN B 33 -8.78 -9.80 19.18
N VAL B 34 -7.78 -9.21 19.84
CA VAL B 34 -7.60 -9.40 21.28
C VAL B 34 -8.72 -8.75 22.11
N ASP B 35 -9.44 -7.77 21.56
CA ASP B 35 -10.59 -7.19 22.26
C ASP B 35 -11.92 -7.82 21.84
N ASN B 36 -11.86 -8.91 21.08
CA ASN B 36 -13.05 -9.66 20.67
C ASN B 36 -14.08 -8.79 19.97
N SER B 37 -13.59 -7.83 19.19
CA SER B 37 -14.47 -6.93 18.46
C SER B 37 -15.35 -7.65 17.45
N GLY B 38 -16.54 -7.12 17.22
CA GLY B 38 -17.48 -7.70 16.27
C GLY B 38 -16.98 -7.69 14.84
N ASN B 39 -16.28 -6.63 14.44
CA ASN B 39 -15.83 -6.52 13.05
C ASN B 39 -14.69 -7.48 12.71
N GLY B 40 -14.05 -8.04 13.74
CA GLY B 40 -13.08 -9.10 13.54
C GLY B 40 -11.70 -8.65 13.11
N GLN B 41 -11.45 -7.34 13.17
CA GLN B 41 -10.14 -6.80 12.84
C GLN B 41 -9.06 -7.24 13.85
N ASP B 42 -7.86 -7.51 13.35
CA ASP B 42 -6.72 -7.72 14.23
C ASP B 42 -6.28 -6.42 14.88
N LYS B 43 -5.58 -6.54 15.99
CA LYS B 43 -4.83 -5.46 16.60
C LYS B 43 -3.40 -5.93 16.71
N ILE B 44 -2.47 -4.98 16.74
CA ILE B 44 -1.06 -5.32 16.93
C ILE B 44 -0.78 -5.30 18.42
N ILE B 45 -0.29 -6.41 18.95
CA ILE B 45 0.11 -6.45 20.35
C ILE B 45 1.63 -6.66 20.39
N VAL B 46 2.33 -5.80 21.12
CA VAL B 46 3.79 -5.92 21.22
CA VAL B 46 3.78 -5.92 21.21
C VAL B 46 4.24 -5.77 22.65
N GLY B 47 5.07 -6.72 23.10
CA GLY B 47 5.66 -6.64 24.42
C GLY B 47 7.14 -6.38 24.26
N SER B 48 7.71 -5.69 25.24
CA SER B 48 9.09 -5.25 25.16
CA SER B 48 9.11 -5.29 25.14
C SER B 48 9.94 -5.84 26.29
N PHE B 49 11.24 -5.97 26.04
CA PHE B 49 12.15 -6.43 27.09
C PHE B 49 12.32 -5.34 28.13
N MSE B 50 11.84 -4.16 27.84
CA MSE B 50 11.89 -3.09 28.80
C MSE B 50 10.63 -3.04 29.62
O MSE B 50 10.51 -2.15 30.43
CB MSE B 50 12.10 -1.79 28.08
CG MSE B 50 13.57 -1.45 27.92
SE MSE B 50 14.60 -2.87 27.05
CE MSE B 50 16.39 -2.12 27.14
N GLY B 51 9.69 -3.93 29.42
CA GLY B 51 8.54 -4.11 30.30
C GLY B 51 7.20 -3.57 29.81
N TYR B 52 7.21 -2.84 28.69
CA TYR B 52 5.98 -2.24 28.19
C TYR B 52 5.16 -3.18 27.32
N LEU B 53 3.84 -3.16 27.54
CA LEU B 53 2.89 -3.87 26.68
C LEU B 53 2.09 -2.81 25.90
N ARG B 54 2.10 -2.92 24.58
CA ARG B 54 1.42 -1.92 23.76
C ARG B 54 0.46 -2.59 22.80
N ILE B 55 -0.70 -1.96 22.59
CA ILE B 55 -1.68 -2.46 21.63
C ILE B 55 -2.07 -1.37 20.65
N PHE B 56 -1.91 -1.66 19.36
CA PHE B 56 -2.20 -0.68 18.31
C PHE B 56 -3.34 -1.09 17.39
N SER B 57 -4.07 -0.09 16.89
CA SER B 57 -4.96 -0.27 15.75
C SER B 57 -4.59 0.80 14.73
N PRO B 58 -3.63 0.49 13.84
CA PRO B 58 -3.06 1.46 12.89
C PRO B 58 -4.06 1.99 11.89
N HIS B 59 -3.93 3.27 11.56
CA HIS B 59 -4.71 3.88 10.50
C HIS B 59 -3.77 4.68 9.62
N PRO B 60 -4.06 4.75 8.31
CA PRO B 60 -3.23 5.59 7.45
C PRO B 60 -3.37 7.07 7.81
N ALA B 61 -2.35 7.85 7.47
CA ALA B 61 -2.41 9.30 7.61
C ALA B 61 -3.67 9.90 6.99
N LYS B 62 -4.35 10.74 7.78
CA LYS B 62 -5.58 11.37 7.35
C LYS B 62 -5.67 12.77 7.94
N THR B 63 -5.54 13.78 7.10
CA THR B 63 -5.43 15.15 7.58
C THR B 63 -6.51 16.05 7.00
N GLY B 64 -6.53 17.30 7.43
CA GLY B 64 -7.53 18.25 6.95
C GLY B 64 -8.90 18.00 7.55
N ASP B 65 -9.02 16.90 8.26
CA ASP B 65 -10.24 16.57 8.97
C ASP B 65 -10.03 16.99 10.43
N GLY B 66 -10.72 16.36 11.37
CA GLY B 66 -10.52 16.69 12.77
C GLY B 66 -9.29 15.98 13.31
N ALA B 67 -9.15 15.96 14.62
CA ALA B 67 -8.13 15.10 15.22
C ALA B 67 -8.50 13.67 14.86
N GLN B 68 -7.51 12.82 14.62
CA GLN B 68 -7.81 11.43 14.35
C GLN B 68 -7.66 10.62 15.64
N GLU B 70 -6.48 7.93 18.24
CA GLU B 70 -5.11 7.49 18.45
C GLU B 70 -4.96 6.05 17.99
N ASP B 71 -3.84 5.74 17.36
CA ASP B 71 -3.62 4.37 16.93
C ASP B 71 -3.16 3.51 18.11
N LEU B 72 -2.54 4.13 19.10
CA LEU B 72 -2.15 3.39 20.31
C LEU B 72 -3.38 3.23 21.19
N LEU B 73 -3.88 2.00 21.30
CA LEU B 73 -5.10 1.79 22.08
C LEU B 73 -4.78 1.68 23.56
N LEU B 74 -3.62 1.14 23.86
CA LEU B 74 -3.24 0.88 25.25
CA LEU B 74 -3.24 0.87 25.24
C LEU B 74 -1.74 0.73 25.39
N GLU B 75 -1.19 1.32 26.44
CA GLU B 75 0.21 1.14 26.78
C GLU B 75 0.29 0.93 28.28
N VAL B 76 0.85 -0.19 28.73
CA VAL B 76 0.99 -0.40 30.16
CA VAL B 76 0.96 -0.49 30.15
C VAL B 76 2.40 -0.89 30.48
N ASP B 77 2.96 -0.32 31.53
CA ASP B 77 4.27 -0.73 32.02
C ASP B 77 4.05 -1.92 32.95
N LEU B 78 4.58 -3.10 32.59
CA LEU B 78 4.40 -4.29 33.41
C LEU B 78 5.61 -4.53 34.30
N ARG B 79 6.61 -3.65 34.24
CA ARG B 79 7.72 -3.61 35.22
C ARG B 79 8.65 -4.83 35.23
N ASP B 80 8.65 -5.62 34.16
CA ASP B 80 9.60 -6.72 34.02
C ASP B 80 9.58 -7.10 32.54
N PRO B 81 10.72 -7.61 32.02
CA PRO B 81 10.73 -7.94 30.58
C PRO B 81 9.58 -8.86 30.16
N VAL B 82 8.98 -8.53 29.03
CA VAL B 82 8.00 -9.40 28.40
C VAL B 82 8.75 -10.36 27.49
N LEU B 83 8.68 -11.65 27.82
CA LEU B 83 9.37 -12.69 27.05
CA LEU B 83 9.38 -12.69 27.04
C LEU B 83 8.57 -13.13 25.83
N GLN B 84 7.25 -13.10 25.95
CA GLN B 84 6.39 -13.56 24.86
C GLN B 84 4.95 -13.10 25.10
N VAL B 85 4.21 -12.91 24.01
CA VAL B 85 2.80 -12.58 24.10
C VAL B 85 2.05 -13.50 23.14
N GLU B 86 0.88 -13.99 23.55
CA GLU B 86 0.03 -14.81 22.70
C GLU B 86 -1.41 -14.47 23.01
N VAL B 87 -2.29 -14.76 22.06
CA VAL B 87 -3.71 -14.53 22.27
C VAL B 87 -4.45 -15.82 21.97
N GLY B 88 -5.36 -16.18 22.85
CA GLY B 88 -6.04 -17.45 22.73
C GLY B 88 -7.13 -17.62 23.77
N LYS B 89 -7.77 -18.78 23.76
CA LYS B 89 -8.91 -19.05 24.63
C LYS B 89 -8.44 -19.52 26.01
N PHE B 90 -7.80 -18.62 26.74
CA PHE B 90 -7.08 -18.97 27.95
C PHE B 90 -7.91 -18.98 29.24
N VAL B 91 -9.19 -18.62 29.13
CA VAL B 91 -10.06 -18.52 30.31
C VAL B 91 -11.18 -19.56 30.26
N SER B 92 -11.34 -20.35 31.32
CA SER B 92 -12.35 -21.40 31.28
C SER B 92 -13.75 -20.80 31.34
N GLY B 93 -14.68 -21.46 30.67
CA GLY B 93 -16.07 -21.02 30.69
C GLY B 93 -16.39 -20.09 29.55
N THR B 94 -15.37 -19.65 28.82
CA THR B 94 -15.60 -18.78 27.67
C THR B 94 -14.67 -19.06 26.51
N GLU B 95 -15.12 -18.80 25.29
CA GLU B 95 -14.24 -18.95 24.14
C GLU B 95 -13.72 -17.58 23.64
N MSE B 96 -14.06 -16.52 24.38
CA MSE B 96 -13.52 -15.19 24.13
CA MSE B 96 -13.52 -15.20 24.08
C MSE B 96 -12.00 -15.22 24.19
O MSE B 96 -11.43 -15.88 25.05
CB MSE B 96 -14.04 -14.18 25.18
CB MSE B 96 -14.11 -14.15 25.02
CG MSE B 96 -15.53 -13.95 25.19
CG MSE B 96 -15.60 -13.94 24.82
SE MSE B 96 -16.09 -12.74 23.77
SE MSE B 96 -16.01 -13.34 23.01
CE MSE B 96 -16.50 -14.09 22.41
CE MSE B 96 -16.74 -11.58 23.44
N LEU B 97 -11.34 -14.50 23.29
CA LEU B 97 -9.88 -14.44 23.30
C LEU B 97 -9.37 -13.63 24.49
N HIS B 98 -8.22 -14.03 25.01
CA HIS B 98 -7.53 -13.31 26.09
C HIS B 98 -6.06 -13.20 25.76
N LEU B 99 -5.39 -12.26 26.43
CA LEU B 99 -3.97 -12.04 26.21
C LEU B 99 -3.12 -12.75 27.28
N ALA B 100 -2.16 -13.56 26.83
CA ALA B 100 -1.19 -14.16 27.75
C ALA B 100 0.14 -13.42 27.65
N VAL B 101 0.68 -13.03 28.80
CA VAL B 101 1.97 -12.39 28.84
C VAL B 101 2.90 -13.28 29.65
N LEU B 102 3.99 -13.70 29.04
CA LEU B 102 5.01 -14.49 29.73
C LEU B 102 6.13 -13.61 30.24
N HIS B 103 6.40 -13.71 31.54
CA HIS B 103 7.54 -13.08 32.17
C HIS B 103 8.46 -14.20 32.66
N SER B 104 9.65 -13.85 33.14
CA SER B 104 10.59 -14.88 33.55
CA SER B 104 10.60 -14.89 33.54
C SER B 104 10.08 -15.74 34.71
N ARG B 105 9.28 -15.16 35.59
CA ARG B 105 8.82 -15.91 36.75
C ARG B 105 7.31 -16.05 36.80
N LYS B 106 6.58 -15.34 35.93
CA LYS B 106 5.14 -15.51 35.99
C LYS B 106 4.48 -15.49 34.62
N LEU B 107 3.31 -16.12 34.58
CA LEU B 107 2.43 -16.11 33.43
C LEU B 107 1.17 -15.34 33.82
N CYS B 108 0.87 -14.28 33.08
CA CYS B 108 -0.31 -13.45 33.36
C CYS B 108 -1.27 -13.47 32.20
N VAL B 109 -2.56 -13.64 32.50
CA VAL B 109 -3.57 -13.67 31.46
C VAL B 109 -4.55 -12.55 31.69
N TYR B 110 -4.79 -11.76 30.64
CA TYR B 110 -5.62 -10.57 30.73
C TYR B 110 -6.77 -10.56 29.75
N SER B 111 -7.84 -9.89 30.14
CA SER B 111 -8.90 -9.53 29.22
CA SER B 111 -8.89 -9.53 29.18
C SER B 111 -8.58 -8.14 28.67
N VAL B 112 -8.89 -7.90 27.41
CA VAL B 112 -8.71 -6.60 26.81
C VAL B 112 -10.07 -6.17 26.28
N SER B 113 -10.54 -5.01 26.69
CA SER B 113 -11.88 -4.57 26.29
C SER B 113 -11.95 -3.06 26.21
N GLN B 124 -7.96 3.88 25.08
CA GLN B 124 -9.19 3.48 24.41
C GLN B 124 -9.62 2.08 24.86
N CYS B 125 -8.67 1.30 25.35
CA CYS B 125 -9.09 0.04 25.94
CA CYS B 125 -8.91 -0.06 25.85
C CYS B 125 -8.41 -0.19 27.27
N GLN B 126 -8.93 -1.16 28.01
CA GLN B 126 -8.42 -1.46 29.33
C GLN B 126 -8.07 -2.94 29.42
N MSE B 127 -7.12 -3.24 30.30
CA MSE B 127 -6.62 -4.58 30.45
C MSE B 127 -6.88 -5.02 31.88
O MSE B 127 -6.47 -4.34 32.82
CB MSE B 127 -5.14 -4.60 30.14
CG MSE B 127 -4.63 -5.91 29.70
SE MSE B 127 -2.91 -5.60 28.87
CE MSE B 127 -1.77 -5.73 30.44
N LYS B 128 -7.59 -6.13 32.06
CA LYS B 128 -7.87 -6.63 33.40
C LYS B 128 -7.23 -7.99 33.59
N LEU B 129 -6.53 -8.16 34.71
CA LEU B 129 -5.91 -9.44 35.02
C LEU B 129 -6.97 -10.48 35.37
N MSE B 130 -6.97 -11.61 34.65
CA MSE B 130 -7.89 -12.71 34.93
C MSE B 130 -7.30 -13.69 35.95
O MSE B 130 -7.96 -14.06 36.91
CB MSE B 130 -8.23 -13.48 33.64
CG MSE B 130 -8.81 -12.63 32.53
SE MSE B 130 -10.48 -11.76 33.07
CE MSE B 130 -11.55 -13.30 33.55
N TYR B 131 -6.06 -14.10 35.72
CA TYR B 131 -5.34 -14.90 36.68
C TYR B 131 -3.84 -14.79 36.44
N GLU B 132 -3.06 -15.22 37.41
CA GLU B 132 -1.62 -15.14 37.29
C GLU B 132 -0.97 -16.36 37.97
N HIS B 133 -0.09 -17.03 37.22
CA HIS B 133 0.66 -18.18 37.70
C HIS B 133 2.10 -17.77 37.99
N ASN B 134 2.51 -17.88 39.24
CA ASN B 134 3.92 -17.69 39.55
C ASN B 134 4.69 -18.96 39.26
N LEU B 135 5.83 -18.82 38.62
CA LEU B 135 6.61 -19.99 38.19
C LEU B 135 7.70 -20.33 39.21
N GLN B 136 7.93 -21.62 39.46
CA GLN B 136 8.99 -22.00 40.38
C GLN B 136 10.35 -22.16 39.68
N ARG B 137 10.33 -21.96 38.37
CA ARG B 137 11.53 -22.02 37.54
C ARG B 137 11.47 -20.87 36.57
N THR B 138 12.60 -20.28 36.23
CA THR B 138 12.62 -19.19 35.26
CA THR B 138 12.63 -19.19 35.27
C THR B 138 12.22 -19.68 33.87
N ALA B 139 11.40 -18.89 33.19
CA ALA B 139 10.83 -19.28 31.92
C ALA B 139 11.70 -18.91 30.71
N CYS B 140 11.54 -19.69 29.65
CA CYS B 140 12.14 -19.36 28.37
C CYS B 140 11.09 -18.91 27.37
N ASN B 141 10.18 -19.82 27.01
CA ASN B 141 9.17 -19.53 26.00
C ASN B 141 7.93 -20.37 26.24
N MSE B 142 6.92 -20.24 25.38
CA MSE B 142 5.68 -20.97 25.60
C MSE B 142 4.98 -21.31 24.30
O MSE B 142 5.29 -20.74 23.25
CB MSE B 142 4.72 -20.16 26.49
CG MSE B 142 4.30 -18.82 25.91
SE MSE B 142 2.90 -18.02 27.05
CE MSE B 142 2.79 -16.26 26.25
N THR B 143 4.02 -22.22 24.38
CA THR B 143 3.12 -22.50 23.28
C THR B 143 1.75 -22.76 23.86
N TYR B 144 0.74 -22.92 23.02
CA TYR B 144 -0.60 -23.11 23.52
C TYR B 144 -1.44 -23.88 22.51
N GLY B 145 -2.58 -24.39 22.98
CA GLY B 145 -3.46 -25.11 22.09
C GLY B 145 -4.34 -26.06 22.86
N SER B 146 -5.14 -26.81 22.12
CA SER B 146 -6.13 -27.69 22.73
CA SER B 146 -6.12 -27.67 22.77
C SER B 146 -5.53 -29.04 23.11
N PHE B 147 -4.55 -29.02 24.03
CA PHE B 147 -3.83 -30.22 24.44
C PHE B 147 -4.80 -31.31 24.84
N GLY B 148 -4.56 -32.53 24.37
CA GLY B 148 -5.39 -33.66 24.75
C GLY B 148 -6.64 -33.77 23.91
N GLY B 149 -6.79 -32.88 22.94
CA GLY B 149 -7.95 -32.92 22.06
C GLY B 149 -9.18 -32.26 22.64
N VAL B 150 -9.03 -31.58 23.76
CA VAL B 150 -10.13 -30.83 24.36
C VAL B 150 -10.60 -29.76 23.39
N LYS B 151 -11.88 -29.39 23.43
CA LYS B 151 -12.36 -28.39 22.48
C LYS B 151 -12.71 -27.09 23.19
N GLY B 152 -12.53 -25.97 22.50
CA GLY B 152 -13.01 -24.70 23.01
C GLY B 152 -12.13 -24.07 24.07
N ARG B 153 -10.91 -24.53 24.19
CA ARG B 153 -10.01 -23.95 25.17
C ARG B 153 -8.56 -24.14 24.78
N ASP B 154 -7.76 -23.17 25.18
CA ASP B 154 -6.35 -23.15 24.86
C ASP B 154 -5.57 -23.30 26.15
N LEU B 155 -4.91 -24.44 26.32
CA LEU B 155 -4.05 -24.65 27.48
C LEU B 155 -2.70 -24.08 27.13
N ILE B 156 -1.84 -23.87 28.14
CA ILE B 156 -0.54 -23.27 27.89
C ILE B 156 0.58 -24.16 28.41
N CYS B 157 1.67 -24.25 27.64
CA CYS B 157 2.86 -24.99 28.07
C CYS B 157 4.04 -24.05 28.02
N ILE B 158 4.70 -23.87 29.17
CA ILE B 158 5.87 -23.02 29.27
C ILE B 158 7.09 -23.90 29.40
N GLN B 159 8.10 -23.63 28.57
CA GLN B 159 9.41 -24.29 28.73
C GLN B 159 10.30 -23.45 29.62
N SER B 160 10.84 -24.06 30.68
CA SER B 160 11.76 -23.34 31.55
C SER B 160 13.15 -23.28 30.94
N MSE B 161 13.97 -22.36 31.43
CA MSE B 161 15.34 -22.23 30.98
C MSE B 161 16.12 -23.54 31.20
O MSE B 161 16.99 -23.85 30.42
CB MSE B 161 16.07 -21.09 31.70
CG MSE B 161 15.56 -19.70 31.35
SE MSE B 161 15.89 -19.26 29.47
CE MSE B 161 17.82 -19.54 29.43
N ASP B 162 15.77 -24.29 32.25
CA ASP B 162 16.48 -25.54 32.52
C ASP B 162 15.74 -26.78 31.99
N GLY B 163 14.77 -26.56 31.12
CA GLY B 163 14.25 -27.64 30.28
C GLY B 163 13.08 -28.42 30.82
N MSE B 164 12.29 -27.81 31.68
CA MSE B 164 11.04 -28.44 32.10
C MSE B 164 9.92 -27.88 31.25
O MSE B 164 9.87 -26.66 31.05
CB MSE B 164 10.75 -28.18 33.57
CG MSE B 164 9.48 -28.88 34.03
SE MSE B 164 9.11 -28.64 35.94
CE MSE B 164 9.64 -30.39 36.57
N LEU B 165 9.05 -28.75 30.75
CA LEU B 165 7.80 -28.31 30.15
C LEU B 165 6.74 -28.25 31.26
N MSE B 166 6.19 -27.07 31.48
CA MSE B 166 5.22 -26.82 32.55
C MSE B 166 3.86 -26.54 31.93
O MSE B 166 3.69 -25.55 31.23
CB MSE B 166 5.69 -25.65 33.43
CG MSE B 166 7.05 -25.88 34.09
SE MSE B 166 7.81 -24.33 35.06
CE MSE B 166 8.06 -23.07 33.58
N VAL B 167 2.90 -27.42 32.18
CA VAL B 167 1.60 -27.33 31.55
C VAL B 167 0.55 -26.73 32.48
N PHE B 168 -0.14 -25.69 31.99
CA PHE B 168 -1.22 -25.04 32.75
C PHE B 168 -2.55 -25.23 32.06
N GLU B 169 -3.53 -25.77 32.82
CA GLU B 169 -4.90 -25.88 32.32
C GLU B 169 -5.66 -24.62 32.67
N GLN B 170 -5.43 -23.57 31.87
CA GLN B 170 -6.03 -22.27 32.12
C GLN B 170 -5.70 -21.83 33.55
N GLU B 171 -6.70 -21.72 34.42
CA GLU B 171 -6.48 -21.17 35.77
C GLU B 171 -5.71 -22.09 36.74
N SER B 172 -5.41 -23.33 36.35
CA SER B 172 -4.67 -24.22 37.27
C SER B 172 -3.49 -24.95 36.65
N TYR B 173 -2.43 -25.04 37.43
CA TYR B 173 -1.24 -25.80 37.07
C TYR B 173 -1.57 -27.27 36.96
N ALA B 174 -1.15 -27.90 35.86
CA ALA B 174 -1.41 -29.32 35.69
C ALA B 174 -0.22 -30.18 36.12
N PHE B 175 0.91 -30.02 35.44
CA PHE B 175 2.09 -30.85 35.74
C PHE B 175 3.32 -30.31 35.04
N GLY B 176 4.48 -30.80 35.44
CA GLY B 176 5.73 -30.44 34.78
C GLY B 176 6.59 -31.66 34.52
N ARG B 177 7.32 -31.63 33.41
CA ARG B 177 8.15 -32.76 32.99
C ARG B 177 9.45 -32.26 32.40
N PHE B 178 10.56 -32.87 32.77
CA PHE B 178 11.85 -32.50 32.19
C PHE B 178 12.10 -33.18 30.85
N LEU B 179 12.56 -32.41 29.88
CA LEU B 179 12.96 -32.96 28.58
C LEU B 179 14.27 -33.74 28.68
N PRO B 180 14.36 -34.90 28.00
CA PRO B 180 15.64 -35.60 27.92
C PRO B 180 16.54 -34.95 26.87
N GLY B 181 17.85 -35.24 26.91
CA GLY B 181 18.78 -34.76 25.88
C GLY B 181 18.78 -33.26 25.73
N PHE B 182 18.67 -32.57 26.87
CA PHE B 182 18.47 -31.13 26.90
C PHE B 182 19.76 -30.40 27.26
N LEU B 183 20.06 -29.33 26.56
CA LEU B 183 21.17 -28.47 26.95
C LEU B 183 20.71 -27.03 27.09
N LEU B 184 20.39 -26.39 25.96
CA LEU B 184 19.76 -25.07 25.93
C LEU B 184 18.35 -25.15 25.34
N PRO B 185 17.43 -24.30 25.82
CA PRO B 185 16.04 -24.40 25.33
C PRO B 185 15.90 -23.96 23.87
N GLY B 186 15.18 -24.73 23.09
CA GLY B 186 14.97 -24.42 21.68
C GLY B 186 13.56 -23.87 21.49
N PRO B 187 13.21 -23.54 20.25
CA PRO B 187 11.84 -23.09 19.98
C PRO B 187 10.85 -24.18 20.37
N LEU B 188 9.61 -23.77 20.63
CA LEU B 188 8.61 -24.68 21.16
C LEU B 188 7.28 -24.47 20.42
N ALA B 189 6.69 -25.55 19.94
CA ALA B 189 5.36 -25.41 19.28
C ALA B 189 4.46 -26.59 19.60
N TYR B 190 3.16 -26.39 19.47
CA TYR B 190 2.21 -27.45 19.72
C TYR B 190 1.49 -27.82 18.42
N SER B 191 1.42 -29.13 18.16
CA SER B 191 0.71 -29.63 16.99
C SER B 191 -0.59 -30.27 17.40
N SER B 192 -1.71 -29.67 17.01
CA SER B 192 -3.00 -30.19 17.42
C SER B 192 -3.34 -31.46 16.66
N ARG B 193 -2.90 -31.56 15.41
CA ARG B 193 -3.15 -32.74 14.59
C ARG B 193 -2.55 -34.01 15.21
N THR B 194 -1.36 -33.91 15.78
CA THR B 194 -0.69 -35.06 16.36
C THR B 194 -0.72 -35.00 17.89
N ASP B 195 -1.35 -33.95 18.42
CA ASP B 195 -1.42 -33.70 19.86
C ASP B 195 -0.05 -33.87 20.52
N SER B 196 0.93 -33.15 19.98
CA SER B 196 2.33 -33.29 20.39
C SER B 196 3.01 -31.93 20.54
N PHE B 197 4.02 -31.89 21.39
CA PHE B 197 4.89 -30.73 21.46
C PHE B 197 6.14 -30.97 20.63
N LEU B 198 6.54 -29.94 19.91
CA LEU B 198 7.73 -30.00 19.07
C LEU B 198 8.79 -29.02 19.56
N THR B 199 10.04 -29.46 19.60
CA THR B 199 11.14 -28.55 19.89
C THR B 199 12.37 -28.94 19.10
N VAL B 200 13.45 -28.17 19.24
CA VAL B 200 14.69 -28.54 18.57
C VAL B 200 15.78 -28.41 19.63
N SER B 201 16.55 -29.48 19.83
CA SER B 201 17.55 -29.49 20.90
C SER B 201 18.88 -28.89 20.47
N SER B 202 19.79 -28.73 21.42
CA SER B 202 21.12 -28.19 21.11
C SER B 202 21.96 -29.14 20.26
N CYS B 203 21.67 -30.44 20.29
CA CYS B 203 22.43 -31.35 19.44
C CYS B 203 21.71 -31.55 18.12
N GLN B 204 20.85 -30.58 17.79
CA GLN B 204 20.32 -30.36 16.44
C GLN B 204 19.25 -31.38 16.03
N GLN B 205 18.51 -31.86 17.01
CA GLN B 205 17.40 -32.80 16.78
CA GLN B 205 17.40 -32.78 16.73
C GLN B 205 16.05 -32.10 16.89
N VAL B 206 15.24 -32.18 15.83
CA VAL B 206 13.85 -31.81 15.98
C VAL B 206 13.21 -32.97 16.75
N GLU B 207 12.43 -32.67 17.77
CA GLU B 207 11.86 -33.70 18.65
C GLU B 207 10.38 -33.50 18.82
N SER B 208 9.63 -34.59 18.81
CA SER B 208 8.19 -34.55 19.00
C SER B 208 7.76 -35.44 20.17
N TYR B 209 7.02 -34.86 21.10
CA TYR B 209 6.54 -35.55 22.29
C TYR B 209 5.03 -35.56 22.35
N LYS B 210 4.43 -36.74 22.45
CA LYS B 210 2.98 -36.85 22.57
CA LYS B 210 2.98 -36.86 22.57
C LYS B 210 2.51 -36.27 23.89
N TYR B 211 1.44 -35.48 23.85
CA TYR B 211 0.95 -34.87 25.07
C TYR B 211 0.59 -35.91 26.12
N GLN B 212 -0.10 -36.96 25.70
CA GLN B 212 -0.52 -38.00 26.65
C GLN B 212 0.67 -38.76 27.24
N VAL B 213 1.74 -38.93 26.48
CA VAL B 213 2.95 -39.56 27.00
C VAL B 213 3.58 -38.65 28.07
N LEU B 214 3.66 -37.37 27.80
CA LEU B 214 4.13 -36.40 28.77
C LEU B 214 3.34 -36.46 30.06
N ALA B 215 2.02 -36.43 29.93
CA ALA B 215 1.13 -36.41 31.09
C ALA B 215 1.31 -37.66 31.94
N PHE B 216 1.57 -38.79 31.29
CA PHE B 216 1.64 -40.09 31.96
C PHE B 216 3.02 -40.33 32.58
N ALA B 217 4.04 -39.65 32.04
CA ALA B 217 5.41 -39.81 32.51
C ALA B 217 5.70 -39.12 33.85
N THR B 218 5.09 -39.62 34.91
CA THR B 218 5.16 -38.96 36.22
C THR B 218 6.56 -38.97 36.87
N ASP B 219 7.48 -39.79 36.34
CA ASP B 219 8.85 -39.80 36.86
C ASP B 219 9.75 -38.77 36.17
N ALA B 220 9.14 -37.91 35.35
CA ALA B 220 9.91 -36.89 34.65
C ALA B 220 9.85 -35.55 35.38
N ASP B 221 9.17 -35.52 36.53
CA ASP B 221 9.03 -34.27 37.30
C ASP B 221 10.20 -34.06 38.28
N LYS B 222 11.17 -34.97 38.21
CA LYS B 222 12.37 -34.87 39.02
C LYS B 222 13.56 -35.32 38.16
N VAL B 238 9.67 -40.42 26.98
CA VAL B 238 10.31 -40.80 25.73
C VAL B 238 9.82 -39.92 24.58
N VAL B 239 10.72 -39.63 23.65
CA VAL B 239 10.36 -38.88 22.46
C VAL B 239 9.56 -39.77 21.52
N ASP B 240 8.66 -39.19 20.75
CA ASP B 240 7.89 -39.98 19.79
C ASP B 240 8.71 -40.20 18.52
N TRP B 241 9.25 -39.11 17.97
CA TRP B 241 10.18 -39.22 16.85
C TRP B 241 11.19 -38.07 16.91
N THR B 242 12.30 -38.27 16.20
CA THR B 242 13.34 -37.25 16.12
CA THR B 242 13.34 -37.27 16.13
C THR B 242 13.85 -37.13 14.69
N LEU B 243 14.41 -35.97 14.38
CA LEU B 243 15.02 -35.75 13.09
C LEU B 243 16.25 -34.88 13.26
N ASN B 244 17.41 -35.39 12.86
CA ASN B 244 18.60 -34.57 12.94
C ASN B 244 18.66 -33.63 11.75
N ILE B 245 18.64 -32.34 12.01
CA ILE B 245 18.68 -31.39 10.90
C ILE B 245 20.06 -30.79 10.69
N GLY B 246 21.02 -31.17 11.54
CA GLY B 246 22.42 -30.80 11.31
C GLY B 246 22.74 -29.33 11.47
N GLU B 247 21.85 -28.59 12.11
CA GLU B 247 22.08 -27.18 12.41
C GLU B 247 21.20 -26.74 13.56
N GLN B 248 21.47 -25.57 14.11
CA GLN B 248 20.61 -25.04 15.15
C GLN B 248 19.34 -24.47 14.53
N ALA B 249 18.22 -24.58 15.24
CA ALA B 249 16.97 -23.93 14.77
C ALA B 249 16.74 -22.56 15.40
N LEU B 250 16.22 -21.64 14.59
CA LEU B 250 15.79 -20.35 15.11
C LEU B 250 14.33 -20.39 15.57
N ASP B 251 13.51 -21.18 14.87
CA ASP B 251 12.06 -21.14 15.12
C ASP B 251 11.37 -22.36 14.54
N ILE B 252 10.16 -22.59 15.03
CA ILE B 252 9.34 -23.66 14.51
CA ILE B 252 9.28 -23.68 14.57
C ILE B 252 7.88 -23.15 14.43
N CYS B 253 7.21 -23.46 13.33
CA CYS B 253 5.83 -23.00 13.12
C CYS B 253 4.99 -24.17 12.64
N ILE B 254 3.85 -24.44 13.27
CA ILE B 254 3.02 -25.54 12.78
C ILE B 254 1.79 -24.93 12.13
N VAL B 255 1.59 -25.21 10.84
CA VAL B 255 0.47 -24.59 10.13
C VAL B 255 -0.23 -25.57 9.22
N SER B 256 -1.48 -25.26 8.93
CA SER B 256 -2.34 -26.10 8.11
C SER B 256 -3.27 -25.22 7.28
N PHE B 257 -3.22 -25.37 5.97
CA PHE B 257 -4.13 -24.62 5.09
C PHE B 257 -4.93 -25.57 4.21
N SER B 263 1.62 -29.11 8.64
CA SER B 263 3.04 -29.14 8.33
C SER B 263 3.83 -28.50 9.46
N VAL B 264 4.95 -29.11 9.77
CA VAL B 264 5.88 -28.58 10.76
C VAL B 264 6.99 -27.85 10.04
N PHE B 265 7.03 -26.53 10.17
CA PHE B 265 8.05 -25.75 9.49
C PHE B 265 9.16 -25.43 10.46
N VAL B 266 10.41 -25.61 10.02
CA VAL B 266 11.55 -25.30 10.89
C VAL B 266 12.45 -24.31 10.19
N LEU B 267 12.74 -23.21 10.89
CA LEU B 267 13.69 -22.22 10.39
C LEU B 267 15.05 -22.51 11.01
N GLY B 268 15.98 -23.02 10.22
CA GLY B 268 17.32 -23.27 10.70
C GLY B 268 18.24 -22.13 10.38
N GLU B 269 19.46 -22.17 10.94
CA GLU B 269 20.43 -21.11 10.66
CA GLU B 269 20.45 -21.13 10.65
C GLU B 269 20.88 -21.14 9.20
N ARG B 270 20.77 -22.31 8.56
CA ARG B 270 21.27 -22.49 7.19
C ARG B 270 20.22 -23.02 6.21
N ASN B 271 19.19 -23.70 6.72
CA ASN B 271 18.16 -24.27 5.87
C ASN B 271 16.75 -24.01 6.40
N PHE B 272 15.79 -24.03 5.50
CA PHE B 272 14.38 -23.91 5.82
C PHE B 272 13.78 -25.31 5.58
N PHE B 273 13.06 -25.86 6.57
CA PHE B 273 12.48 -27.20 6.44
C PHE B 273 10.96 -27.20 6.50
N CYS B 274 10.33 -28.06 5.70
CA CYS B 274 8.92 -28.41 5.88
C CYS B 274 8.82 -29.91 6.15
N LEU B 275 8.36 -30.27 7.34
CA LEU B 275 8.24 -31.67 7.73
C LEU B 275 6.78 -32.13 7.67
N LYS B 276 6.59 -33.38 7.28
CA LYS B 276 5.34 -34.07 7.57
C LYS B 276 5.25 -34.17 9.09
N ASP B 277 4.06 -34.23 9.66
CA ASP B 277 4.06 -34.21 11.13
C ASP B 277 4.39 -35.58 11.72
N ASN B 278 4.71 -36.55 10.86
CA ASN B 278 5.30 -37.80 11.34
C ASN B 278 6.82 -37.67 11.41
N GLY B 279 7.32 -36.48 11.07
CA GLY B 279 8.74 -36.21 11.19
C GLY B 279 9.60 -36.42 9.95
N GLN B 280 9.01 -36.93 8.87
CA GLN B 280 9.74 -37.04 7.62
C GLN B 280 9.84 -35.67 6.94
N ILE B 281 10.95 -35.41 6.25
CA ILE B 281 11.08 -34.17 5.49
C ILE B 281 10.14 -34.20 4.29
N ARG B 282 9.33 -33.15 4.11
CA ARG B 282 8.50 -32.99 2.92
CA ARG B 282 8.53 -33.05 2.90
C ARG B 282 9.28 -32.24 1.85
N PHE B 283 9.85 -31.11 2.26
CA PHE B 283 10.81 -30.41 1.41
C PHE B 283 11.79 -29.64 2.29
N MSE B 284 12.93 -29.29 1.73
CA MSE B 284 13.87 -28.41 2.41
CA MSE B 284 13.95 -28.48 2.41
C MSE B 284 14.60 -27.54 1.40
O MSE B 284 14.68 -27.85 0.22
CB MSE B 284 14.86 -29.22 3.25
CB MSE B 284 15.01 -29.36 3.07
CG MSE B 284 15.93 -29.87 2.43
CG MSE B 284 16.11 -28.60 3.83
SE MSE B 284 17.09 -31.01 3.54
SE MSE B 284 17.73 -29.65 4.23
CE MSE B 284 18.58 -29.76 3.74
CE MSE B 284 16.91 -31.42 4.26
N LYS B 285 15.07 -26.39 1.87
CA LYS B 285 15.70 -25.43 0.99
C LYS B 285 16.91 -24.82 1.68
N LYS B 286 18.06 -24.79 1.00
CA LYS B 286 19.22 -24.07 1.50
CA LYS B 286 19.20 -24.07 1.53
C LYS B 286 19.00 -22.57 1.37
N LEU B 287 19.26 -21.83 2.44
CA LEU B 287 19.12 -20.38 2.39
C LEU B 287 20.44 -19.74 1.95
N ASP B 288 20.33 -18.73 1.10
CA ASP B 288 21.50 -18.05 0.55
C ASP B 288 21.97 -16.91 1.44
N TRP B 289 21.28 -16.72 2.55
CA TRP B 289 21.60 -15.66 3.50
CA TRP B 289 21.57 -15.64 3.49
C TRP B 289 21.23 -16.10 4.91
N SER B 290 21.70 -15.38 5.91
CA SER B 290 21.35 -15.69 7.29
CA SER B 290 21.35 -15.68 7.29
C SER B 290 19.95 -15.17 7.61
N PRO B 291 19.02 -16.07 7.94
CA PRO B 291 17.66 -15.63 8.25
C PRO B 291 17.53 -15.03 9.65
N SER B 292 16.54 -14.17 9.84
CA SER B 292 16.26 -13.63 11.17
C SER B 292 14.92 -14.10 11.73
N CYS B 293 13.94 -14.32 10.87
CA CYS B 293 12.61 -14.74 11.28
C CYS B 293 11.85 -15.29 10.09
N PHE B 294 10.72 -15.95 10.34
CA PHE B 294 9.92 -16.47 9.24
C PHE B 294 8.46 -16.61 9.66
N LEU B 295 7.60 -16.85 8.69
CA LEU B 295 6.20 -17.12 8.92
C LEU B 295 5.60 -17.76 7.69
N PRO B 296 5.31 -19.07 7.76
CA PRO B 296 4.47 -19.68 6.72
C PRO B 296 3.07 -19.11 6.90
N TYR B 297 2.56 -18.37 5.91
CA TYR B 297 1.44 -17.45 6.20
C TYR B 297 0.20 -17.67 5.36
N CYS B 298 0.30 -18.41 4.26
CA CYS B 298 -0.90 -18.72 3.49
C CYS B 298 -0.59 -19.79 2.44
N SER B 299 -1.65 -20.28 1.79
CA SER B 299 -1.50 -21.12 0.62
C SER B 299 -2.28 -20.46 -0.51
N VAL B 300 -1.61 -20.13 -1.61
CA VAL B 300 -2.30 -19.51 -2.75
C VAL B 300 -2.73 -20.56 -3.77
N SER B 301 -2.29 -21.80 -3.59
CA SER B 301 -2.74 -22.87 -4.47
C SER B 301 -2.54 -24.22 -3.80
N GLU B 302 -3.34 -25.19 -4.25
CA GLU B 302 -3.39 -26.52 -3.69
C GLU B 302 -2.00 -27.16 -3.54
N GLY B 303 -1.73 -27.69 -2.35
CA GLY B 303 -0.50 -28.41 -2.10
C GLY B 303 0.73 -27.54 -1.92
N THR B 304 0.57 -26.23 -2.05
CA THR B 304 1.70 -25.31 -1.89
C THR B 304 1.55 -24.39 -0.67
N ILE B 305 2.65 -23.83 -0.21
CA ILE B 305 2.67 -22.97 0.97
CA ILE B 305 2.62 -22.94 0.95
C ILE B 305 3.54 -21.75 0.73
N ASN B 306 3.03 -20.58 1.10
CA ASN B 306 3.81 -19.35 1.04
C ASN B 306 4.39 -19.02 2.42
N THR B 307 5.68 -18.70 2.43
CA THR B 307 6.41 -18.39 3.66
C THR B 307 7.19 -17.10 3.54
N LEU B 308 6.99 -16.19 4.51
CA LEU B 308 7.85 -15.02 4.66
C LEU B 308 9.12 -15.40 5.38
N ILE B 309 10.27 -15.00 4.85
CA ILE B 309 11.53 -15.14 5.58
C ILE B 309 12.25 -13.80 5.58
N GLY B 310 12.52 -13.28 6.78
CA GLY B 310 13.27 -12.05 6.93
C GLY B 310 14.73 -12.39 7.16
N ASN B 311 15.63 -11.55 6.69
CA ASN B 311 17.06 -11.85 6.78
C ASN B 311 17.86 -10.73 7.44
N HIS B 312 19.12 -11.01 7.75
CA HIS B 312 19.95 -10.07 8.48
C HIS B 312 20.51 -8.97 7.59
N ASN B 313 20.21 -9.05 6.29
CA ASN B 313 20.62 -8.02 5.36
C ASN B 313 19.43 -7.14 5.00
N ASN B 314 18.45 -7.09 5.90
CA ASN B 314 17.28 -6.22 5.77
C ASN B 314 16.33 -6.61 4.63
N MSE B 315 16.51 -7.79 4.06
CA MSE B 315 15.61 -8.24 3.01
C MSE B 315 14.48 -9.09 3.59
O MSE B 315 14.67 -9.83 4.54
CB MSE B 315 16.35 -9.04 1.93
CG MSE B 315 17.46 -8.25 1.24
SE MSE B 315 16.85 -6.72 0.19
CE MSE B 315 15.47 -7.59 -0.87
N LEU B 316 13.31 -8.96 3.00
CA LEU B 316 12.17 -9.79 3.34
C LEU B 316 11.76 -10.55 2.09
N HIS B 317 11.67 -11.86 2.20
CA HIS B 317 11.40 -12.70 1.03
C HIS B 317 10.08 -13.45 1.19
N ILE B 318 9.43 -13.73 0.07
CA ILE B 318 8.33 -14.69 0.09
C ILE B 318 8.68 -15.86 -0.81
N TYR B 319 8.55 -17.06 -0.26
CA TYR B 319 8.74 -18.30 -1.00
C TYR B 319 7.41 -19.01 -1.16
N GLN B 320 7.17 -19.52 -2.37
CA GLN B 320 6.15 -20.55 -2.54
C GLN B 320 6.85 -21.91 -2.57
N ASP B 321 6.61 -22.72 -1.54
CA ASP B 321 7.43 -23.91 -1.27
C ASP B 321 8.90 -23.45 -1.17
N VAL B 322 9.77 -23.79 -2.13
CA VAL B 322 11.16 -23.33 -2.04
C VAL B 322 11.51 -22.30 -3.11
N THR B 323 10.52 -21.84 -3.85
CA THR B 323 10.74 -20.91 -4.96
C THR B 323 10.49 -19.46 -4.54
N LEU B 324 11.50 -18.61 -4.68
CA LEU B 324 11.35 -17.18 -4.37
C LEU B 324 10.37 -16.48 -5.32
N LYS B 325 9.40 -15.78 -4.74
CA LYS B 325 8.36 -15.12 -5.51
C LYS B 325 8.39 -13.60 -5.42
N TRP B 326 9.01 -13.09 -4.36
CA TRP B 326 8.89 -11.68 -3.99
C TRP B 326 9.96 -11.29 -2.99
N ALA B 327 10.52 -10.09 -3.15
CA ALA B 327 11.56 -9.61 -2.26
C ALA B 327 11.50 -8.10 -2.08
N THR B 328 11.61 -7.65 -0.83
CA THR B 328 11.66 -6.22 -0.52
CA THR B 328 11.71 -6.21 -0.56
C THR B 328 12.79 -5.89 0.45
N GLN B 329 13.37 -4.71 0.30
CA GLN B 329 14.31 -4.22 1.28
C GLN B 329 13.49 -3.56 2.38
N LEU B 330 13.78 -3.91 3.62
CA LEU B 330 13.15 -3.26 4.75
C LEU B 330 14.09 -2.22 5.31
N PRO B 331 13.55 -1.20 5.98
CA PRO B 331 14.41 -0.21 6.65
C PRO B 331 15.20 -0.82 7.79
N HIS B 332 14.67 -1.90 8.38
CA HIS B 332 15.31 -2.51 9.55
C HIS B 332 15.17 -4.03 9.51
N ILE B 333 16.11 -4.72 10.16
CA ILE B 333 16.07 -6.18 10.23
C ILE B 333 14.92 -6.66 11.10
N PRO B 334 14.06 -7.52 10.57
CA PRO B 334 12.91 -7.92 11.38
C PRO B 334 13.27 -9.06 12.33
N VAL B 335 12.76 -9.02 13.57
CA VAL B 335 12.88 -10.18 14.45
C VAL B 335 11.58 -10.95 14.49
N ALA B 336 10.51 -10.33 14.00
CA ALA B 336 9.23 -11.00 13.91
C ALA B 336 8.40 -10.41 12.77
N VAL B 337 7.63 -11.25 12.11
CA VAL B 337 6.71 -10.77 11.08
C VAL B 337 5.40 -11.50 11.26
N ARG B 338 4.31 -10.78 11.06
CA ARG B 338 2.97 -11.37 11.06
C ARG B 338 2.16 -10.85 9.89
N VAL B 339 1.14 -11.62 9.50
CA VAL B 339 0.21 -11.19 8.47
C VAL B 339 -1.19 -11.20 9.03
N GLY B 340 -1.97 -10.16 8.77
CA GLY B 340 -3.30 -10.14 9.32
C GLY B 340 -4.25 -9.15 8.70
N CYS B 341 -5.38 -8.99 9.38
CA CYS B 341 -6.42 -8.10 8.90
CA CYS B 341 -6.44 -8.10 8.90
C CYS B 341 -6.39 -6.77 9.63
N LEU B 342 -5.94 -5.74 8.94
CA LEU B 342 -5.81 -4.42 9.51
C LEU B 342 -6.38 -3.44 8.51
N HIS B 343 -6.96 -2.36 9.02
CA HIS B 343 -7.52 -1.33 8.17
C HIS B 343 -8.54 -1.93 7.19
N ASP B 344 -9.25 -2.96 7.66
CA ASP B 344 -10.27 -3.67 6.88
CA ASP B 344 -10.27 -3.67 6.88
C ASP B 344 -9.71 -4.31 5.61
N LEU B 345 -8.43 -4.65 5.62
CA LEU B 345 -7.78 -5.31 4.50
C LEU B 345 -7.07 -6.56 4.99
N LYS B 346 -7.25 -7.66 4.28
CA LYS B 346 -6.49 -8.84 4.60
C LYS B 346 -5.10 -8.75 3.97
N GLY B 347 -4.18 -9.58 4.44
CA GLY B 347 -2.85 -9.66 3.88
C GLY B 347 -1.92 -8.50 4.21
N VAL B 348 -2.20 -7.80 5.30
CA VAL B 348 -1.29 -6.76 5.75
C VAL B 348 -0.09 -7.38 6.46
N ILE B 349 1.10 -6.93 6.09
CA ILE B 349 2.32 -7.42 6.71
C ILE B 349 2.70 -6.48 7.85
N VAL B 350 3.02 -7.06 9.00
CA VAL B 350 3.49 -6.28 10.15
C VAL B 350 4.88 -6.79 10.50
N THR B 351 5.87 -5.90 10.48
CA THR B 351 7.22 -6.27 10.90
C THR B 351 7.64 -5.54 12.18
N LEU B 352 8.45 -6.20 13.00
CA LEU B 352 9.02 -5.63 14.21
C LEU B 352 10.54 -5.87 14.21
N SER B 353 11.31 -4.80 14.40
CA SER B 353 12.78 -4.93 14.47
C SER B 353 13.22 -5.12 15.90
N ASP B 354 14.47 -5.49 16.14
CA ASP B 354 14.86 -5.75 17.53
C ASP B 354 15.05 -4.48 18.34
N ASP B 355 15.08 -3.31 17.69
CA ASP B 355 15.12 -2.04 18.43
C ASP B 355 13.78 -1.28 18.38
N GLY B 356 12.72 -1.95 17.98
CA GLY B 356 11.39 -1.39 18.16
C GLY B 356 10.79 -0.61 17.00
N HIS B 357 11.31 -0.83 15.80
CA HIS B 357 10.68 -0.27 14.60
C HIS B 357 9.54 -1.18 14.19
N LEU B 358 8.32 -0.64 14.21
CA LEU B 358 7.11 -1.40 13.93
C LEU B 358 6.45 -0.84 12.67
N GLN B 359 6.21 -1.68 11.68
CA GLN B 359 5.74 -1.17 10.37
C GLN B 359 4.68 -2.06 9.75
N CYS B 360 3.68 -1.42 9.15
CA CYS B 360 2.63 -2.09 8.39
C CYS B 360 2.81 -1.82 6.91
N SER B 361 2.67 -2.86 6.12
CA SER B 361 2.74 -2.69 4.67
C SER B 361 1.79 -3.64 3.95
N TYR B 362 1.61 -3.38 2.65
CA TYR B 362 0.83 -4.24 1.81
C TYR B 362 1.77 -5.06 0.95
N LEU B 363 1.33 -6.22 0.50
CA LEU B 363 2.17 -7.01 -0.40
C LEU B 363 2.44 -6.26 -1.74
N GLY B 364 3.27 -6.84 -2.60
CA GLY B 364 3.71 -6.17 -3.81
C GLY B 364 2.60 -5.91 -4.82
N THR B 365 2.83 -4.98 -5.73
CA THR B 365 1.85 -4.62 -6.75
C THR B 365 1.72 -5.67 -7.86
N ASP B 366 0.48 -6.01 -8.21
CA ASP B 366 0.19 -6.90 -9.34
C ASP B 366 0.83 -6.37 -10.62
N PRO B 367 1.81 -7.12 -11.15
CA PRO B 367 2.54 -6.77 -12.38
C PRO B 367 1.65 -6.50 -13.59
N SER B 368 0.45 -7.08 -13.59
CA SER B 368 -0.47 -6.90 -14.70
C SER B 368 -1.20 -5.56 -14.61
N LEU B 369 -0.97 -4.84 -13.52
CA LEU B 369 -1.66 -3.56 -13.31
C LEU B 369 -0.73 -2.37 -13.50
N PHE B 370 0.58 -2.61 -13.41
CA PHE B 370 1.54 -1.53 -13.67
C PHE B 370 2.92 -2.04 -14.07
N GLN B 371 3.46 -1.39 -15.09
CA GLN B 371 4.84 -1.58 -15.52
C GLN B 371 5.41 -0.20 -15.79
N ALA B 372 6.64 0.04 -15.36
CA ALA B 372 7.30 1.31 -15.67
C ALA B 372 7.74 1.30 -17.14
N PRO B 373 7.79 2.49 -17.77
CA PRO B 373 8.23 2.59 -19.15
C PRO B 373 9.63 2.00 -19.35
#